data_4GO9
#
_entry.id   4GO9
#
_cell.length_a   64.52
_cell.length_b   84.99
_cell.length_c   123.95
_cell.angle_alpha   90.00
_cell.angle_beta   99.53
_cell.angle_gamma   90.00
#
_symmetry.space_group_name_H-M   'P 1 21 1'
#
loop_
_entity.id
_entity.type
_entity.pdbx_description
1 polymer 'Sucrose isomerase'
2 non-polymer 'CALCIUM ION'
3 non-polymer 2-AMINO-2-HYDROXYMETHYL-PROPANE-1,3-DIOL
4 water water
#
_entity_poly.entity_id   1
_entity_poly.type   'polypeptide(L)'
_entity_poly.pdbx_seq_one_letter_code
;KPGAPWWKSAVFYQVYPRSFKDTNGDGIGDFKGLTEKLDYLKGLGIDAIWINPHYASPNTDNGYDISDYREVMKEYGTME
DFDRLMAELKKRGMRLMVDVVINHSSDQHEWFKSSRASKDNPYRDYYFWRDGKDGHEPNNYPSFFGGSAWEKDPVTGQYY
LHYFGRQQPDLNWDTPKLREELYAMLRFWLDKGVSGMRFDTVATYSKTPGFPDLTPEQMKNFAEAYTQGPNLHRYLQEMH
EKVFDHYDAVTAGEIFGAPLNQVPLFIDSRRKELDMAFTFDLIRYDRALDRWHTIPRTLADFRQTIDKVDAIAGEYGWNT
FFLGNHDNPRAVSHFGDDRPQWREASAKALATVTLTQRGTPFIFQGDELGMTNYPFKTLQDFDDIEVKGFFQDYVETGKA
TAEELLTNVALTSRNNARTPFQWDDSANAGFTTGKPWLKVNPNYTEINAAREIGDPKSVYSFYRNLISIRHETPALSTGS
YRDIDPSNADVYAYTRSQDGETYLVVVNFKAEPRSFTLPDGMHIAETLIESSSPAAPAAGAASLELQPWQSGIYKVK
;
_entity_poly.pdbx_strand_id   A,B
#
loop_
_chem_comp.id
_chem_comp.type
_chem_comp.name
_chem_comp.formula
CA non-polymer 'CALCIUM ION' 'Ca 2'
TRS non-polymer 2-AMINO-2-HYDROXYMETHYL-PROPANE-1,3-DIOL 'C4 H12 N O3 1'
#
# COMPACT_ATOMS: atom_id res chain seq x y z
N GLY A 3 -14.11 -56.85 16.95
CA GLY A 3 -13.21 -57.09 15.83
C GLY A 3 -12.39 -55.87 15.46
N ALA A 4 -11.16 -56.11 15.01
CA ALA A 4 -10.26 -55.02 14.62
C ALA A 4 -10.36 -54.70 13.13
N PRO A 5 -10.50 -53.41 12.81
CA PRO A 5 -10.58 -52.92 11.44
C PRO A 5 -9.33 -53.26 10.62
N TRP A 6 -9.47 -53.29 9.30
CA TRP A 6 -8.36 -53.64 8.41
C TRP A 6 -7.13 -52.75 8.60
N TRP A 7 -7.37 -51.48 8.98
CA TRP A 7 -6.27 -50.52 9.06
C TRP A 7 -5.36 -50.68 10.28
N LYS A 8 -5.82 -51.40 11.29
CA LYS A 8 -4.98 -51.66 12.46
C LYS A 8 -3.84 -52.63 12.14
N SER A 9 -4.05 -53.50 11.16
CA SER A 9 -3.04 -54.50 10.81
C SER A 9 -2.43 -54.21 9.45
N ALA A 10 -2.75 -53.06 8.88
CA ALA A 10 -2.24 -52.67 7.57
C ALA A 10 -0.85 -52.05 7.65
N VAL A 11 -0.08 -52.22 6.59
CA VAL A 11 1.19 -51.52 6.46
C VAL A 11 1.07 -50.46 5.37
N PHE A 12 1.20 -49.19 5.77
CA PHE A 12 1.04 -48.08 4.85
C PHE A 12 2.37 -47.63 4.26
N TYR A 13 2.30 -47.05 3.07
CA TYR A 13 3.47 -46.51 2.40
C TYR A 13 3.13 -45.10 1.97
N GLN A 14 3.95 -44.14 2.37
CA GLN A 14 3.70 -42.76 1.97
C GLN A 14 4.40 -42.41 0.66
N VAL A 15 3.61 -42.06 -0.34
CA VAL A 15 4.16 -41.60 -1.61
C VAL A 15 4.07 -40.08 -1.70
N TYR A 16 5.22 -39.47 -1.98
CA TYR A 16 5.28 -38.04 -2.26
C TYR A 16 5.39 -37.90 -3.77
N PRO A 17 4.23 -37.80 -4.46
CA PRO A 17 4.15 -37.92 -5.92
C PRO A 17 5.13 -37.01 -6.67
N ARG A 18 5.40 -35.84 -6.12
CA ARG A 18 6.30 -34.88 -6.76
C ARG A 18 7.70 -35.45 -6.94
N SER A 19 8.11 -36.35 -6.05
CA SER A 19 9.47 -36.89 -6.07
C SER A 19 9.54 -38.40 -6.24
N PHE A 20 8.43 -39.03 -6.62
CA PHE A 20 8.41 -40.48 -6.73
C PHE A 20 8.85 -40.99 -8.10
N LYS A 21 8.07 -40.71 -9.15
CA LYS A 21 8.42 -41.17 -10.49
C LYS A 21 7.88 -40.27 -11.60
N ASP A 22 8.78 -39.73 -12.40
CA ASP A 22 8.45 -38.84 -13.51
C ASP A 22 8.43 -39.61 -14.82
N THR A 23 7.40 -39.38 -15.64
CA THR A 23 7.24 -40.14 -16.89
C THR A 23 7.18 -39.28 -18.15
N ASN A 24 7.35 -37.97 -18.01
CA ASN A 24 7.33 -37.10 -19.19
C ASN A 24 8.49 -36.11 -19.24
N GLY A 25 9.51 -36.35 -18.41
CA GLY A 25 10.75 -35.61 -18.47
C GLY A 25 10.73 -34.17 -17.99
N ASP A 26 9.65 -33.75 -17.32
CA ASP A 26 9.58 -32.39 -16.80
C ASP A 26 10.28 -32.26 -15.45
N GLY A 27 10.76 -33.39 -14.93
CA GLY A 27 11.52 -33.41 -13.69
C GLY A 27 10.65 -33.52 -12.45
N ILE A 28 9.34 -33.61 -12.66
CA ILE A 28 8.39 -33.72 -11.57
C ILE A 28 7.63 -35.04 -11.65
N GLY A 29 7.51 -35.74 -10.53
CA GLY A 29 6.78 -36.99 -10.49
C GLY A 29 5.32 -36.78 -10.82
N ASP A 30 4.65 -37.84 -11.24
CA ASP A 30 3.27 -37.74 -11.70
C ASP A 30 2.49 -39.03 -11.42
N PHE A 31 1.22 -39.03 -11.82
CA PHE A 31 0.33 -40.17 -11.58
C PHE A 31 0.75 -41.42 -12.36
N LYS A 32 1.06 -41.22 -13.64
CA LYS A 32 1.53 -42.33 -14.48
C LYS A 32 2.75 -42.97 -13.87
N GLY A 33 3.61 -42.16 -13.25
CA GLY A 33 4.80 -42.65 -12.60
C GLY A 33 4.48 -43.56 -11.43
N LEU A 34 3.54 -43.14 -10.59
CA LEU A 34 3.11 -43.94 -9.46
C LEU A 34 2.46 -45.23 -9.92
N THR A 35 1.59 -45.12 -10.93
CA THR A 35 0.85 -46.27 -11.44
C THR A 35 1.80 -47.34 -12.01
N GLU A 36 2.87 -46.90 -12.65
CA GLU A 36 3.87 -47.81 -13.19
C GLU A 36 4.58 -48.59 -12.09
N LYS A 37 4.57 -48.05 -10.88
CA LYS A 37 5.36 -48.62 -9.79
C LYS A 37 4.53 -49.36 -8.74
N LEU A 38 3.26 -49.60 -9.03
CA LEU A 38 2.41 -50.30 -8.09
C LEU A 38 2.89 -51.75 -7.84
N ASP A 39 3.36 -52.39 -8.90
CA ASP A 39 3.89 -53.75 -8.78
C ASP A 39 5.07 -53.79 -7.81
N TYR A 40 5.92 -52.76 -7.88
CA TYR A 40 7.04 -52.64 -6.95
C TYR A 40 6.55 -52.55 -5.51
N LEU A 41 5.59 -51.68 -5.27
CA LEU A 41 5.03 -51.49 -3.93
C LEU A 41 4.28 -52.72 -3.46
N LYS A 42 3.56 -53.37 -4.38
CA LYS A 42 2.85 -54.60 -4.04
C LYS A 42 3.84 -55.69 -3.62
N GLY A 43 4.89 -55.87 -4.43
CA GLY A 43 5.94 -56.83 -4.13
C GLY A 43 6.64 -56.57 -2.80
N LEU A 44 6.67 -55.31 -2.37
CA LEU A 44 7.25 -54.95 -1.08
C LEU A 44 6.36 -55.44 0.05
N GLY A 45 5.06 -55.54 -0.22
CA GLY A 45 4.09 -56.01 0.76
C GLY A 45 3.16 -54.91 1.24
N ILE A 46 3.17 -53.80 0.53
CA ILE A 46 2.36 -52.63 0.90
C ILE A 46 0.86 -52.87 0.71
N ASP A 47 0.08 -52.63 1.77
CA ASP A 47 -1.37 -52.79 1.72
C ASP A 47 -2.06 -51.52 1.25
N ALA A 48 -1.53 -50.37 1.65
CA ALA A 48 -2.20 -49.10 1.40
C ALA A 48 -1.21 -47.96 1.22
N ILE A 49 -1.60 -46.97 0.42
CA ILE A 49 -0.75 -45.85 0.12
C ILE A 49 -1.39 -44.53 0.52
N TRP A 50 -0.66 -43.72 1.27
CA TRP A 50 -1.05 -42.33 1.48
C TRP A 50 -0.26 -41.47 0.50
N ILE A 51 -0.98 -40.75 -0.35
CA ILE A 51 -0.35 -39.78 -1.23
C ILE A 51 -0.53 -38.37 -0.70
N ASN A 52 0.52 -37.58 -0.77
CA ASN A 52 0.46 -36.16 -0.45
C ASN A 52 -0.45 -35.45 -1.47
N PRO A 53 -0.89 -34.21 -1.19
CA PRO A 53 -1.93 -33.56 -2.02
C PRO A 53 -1.71 -33.66 -3.52
N HIS A 54 -2.79 -33.96 -4.24
CA HIS A 54 -2.74 -34.20 -5.68
C HIS A 54 -3.70 -33.29 -6.42
N TYR A 55 -4.19 -32.27 -5.73
CA TYR A 55 -5.23 -31.39 -6.27
C TYR A 55 -4.61 -30.18 -6.94
N ALA A 56 -5.44 -29.42 -7.66
CA ALA A 56 -5.00 -28.20 -8.33
C ALA A 56 -4.32 -27.26 -7.34
N SER A 57 -3.12 -26.80 -7.68
CA SER A 57 -2.31 -26.02 -6.76
C SER A 57 -1.25 -25.18 -7.48
N PRO A 58 -1.05 -23.94 -7.02
CA PRO A 58 0.06 -23.08 -7.47
C PRO A 58 1.39 -23.55 -6.89
N ASN A 59 1.34 -24.55 -6.01
CA ASN A 59 2.53 -25.18 -5.45
C ASN A 59 3.47 -24.26 -4.68
N THR A 60 2.90 -23.29 -3.96
CA THR A 60 3.70 -22.47 -3.05
C THR A 60 4.13 -23.33 -1.87
N ASP A 61 3.34 -24.37 -1.60
CA ASP A 61 3.69 -25.36 -0.58
C ASP A 61 3.51 -26.77 -1.13
N ASN A 62 3.88 -26.95 -2.40
CA ASN A 62 3.85 -28.25 -3.07
C ASN A 62 2.61 -29.09 -2.82
N GLY A 63 1.45 -28.51 -3.10
CA GLY A 63 0.19 -29.22 -2.96
C GLY A 63 -0.67 -28.75 -1.80
N TYR A 64 -0.06 -28.16 -0.78
CA TYR A 64 -0.79 -27.76 0.41
C TYR A 64 -1.44 -26.38 0.29
N ASP A 65 -1.32 -25.79 -0.89
CA ASP A 65 -2.11 -24.60 -1.24
C ASP A 65 -3.03 -24.94 -2.41
N ILE A 66 -4.25 -25.37 -2.10
CA ILE A 66 -5.15 -25.91 -3.10
C ILE A 66 -6.07 -24.86 -3.73
N SER A 67 -6.00 -24.73 -5.04
CA SER A 67 -6.81 -23.76 -5.77
C SER A 67 -8.13 -24.34 -6.27
N ASP A 68 -8.22 -25.68 -6.30
CA ASP A 68 -9.46 -26.36 -6.66
C ASP A 68 -9.44 -27.78 -6.13
N TYR A 69 -10.37 -28.08 -5.22
CA TYR A 69 -10.41 -29.39 -4.56
C TYR A 69 -10.99 -30.50 -5.42
N ARG A 70 -11.63 -30.15 -6.53
CA ARG A 70 -12.28 -31.16 -7.37
C ARG A 70 -11.54 -31.38 -8.68
N GLU A 71 -10.35 -30.79 -8.78
CA GLU A 71 -9.49 -31.01 -9.95
C GLU A 71 -8.14 -31.50 -9.48
N VAL A 72 -7.48 -32.29 -10.34
N VAL A 72 -7.49 -32.30 -10.32
CA VAL A 72 -6.19 -32.86 -10.04
CA VAL A 72 -6.18 -32.82 -9.97
C VAL A 72 -5.05 -31.93 -10.46
C VAL A 72 -5.11 -31.80 -10.31
N MET A 73 -3.93 -31.97 -9.75
CA MET A 73 -2.81 -31.09 -10.04
C MET A 73 -2.29 -31.31 -11.44
N LYS A 74 -2.13 -30.22 -12.19
CA LYS A 74 -1.69 -30.27 -13.58
C LYS A 74 -0.41 -31.05 -13.75
N GLU A 75 0.52 -30.86 -12.81
CA GLU A 75 1.81 -31.54 -12.85
C GLU A 75 1.66 -33.06 -12.81
N TYR A 76 0.71 -33.55 -12.03
CA TYR A 76 0.60 -34.99 -11.80
C TYR A 76 -0.17 -35.71 -12.91
N GLY A 77 -0.94 -34.96 -13.69
CA GLY A 77 -1.69 -35.53 -14.79
C GLY A 77 -3.14 -35.06 -14.83
N THR A 78 -4.03 -35.95 -15.26
CA THR A 78 -5.45 -35.62 -15.36
C THR A 78 -6.29 -36.44 -14.38
N MET A 79 -7.58 -36.15 -14.34
CA MET A 79 -8.51 -36.90 -13.51
C MET A 79 -8.56 -38.36 -13.97
N GLU A 80 -8.45 -38.55 -15.28
CA GLU A 80 -8.42 -39.89 -15.87
C GLU A 80 -7.21 -40.66 -15.36
N ASP A 81 -6.08 -39.97 -15.20
CA ASP A 81 -4.88 -40.60 -14.66
C ASP A 81 -5.12 -41.02 -13.21
N PHE A 82 -5.84 -40.19 -12.46
CA PHE A 82 -6.18 -40.52 -11.08
C PHE A 82 -7.07 -41.75 -11.03
N ASP A 83 -8.08 -41.77 -11.88
CA ASP A 83 -9.01 -42.90 -11.95
C ASP A 83 -8.28 -44.18 -12.32
N ARG A 84 -7.35 -44.07 -13.27
CA ARG A 84 -6.55 -45.21 -13.68
C ARG A 84 -5.69 -45.69 -12.52
N LEU A 85 -5.14 -44.74 -11.77
CA LEU A 85 -4.38 -45.06 -10.56
C LEU A 85 -5.27 -45.83 -9.58
N MET A 86 -6.48 -45.31 -9.37
CA MET A 86 -7.45 -45.95 -8.48
C MET A 86 -7.75 -47.38 -8.91
N ALA A 87 -8.02 -47.55 -10.21
CA ALA A 87 -8.37 -48.85 -10.76
C ALA A 87 -7.22 -49.85 -10.65
N GLU A 88 -6.01 -49.37 -10.92
CA GLU A 88 -4.84 -50.24 -10.89
C GLU A 88 -4.49 -50.65 -9.47
N LEU A 89 -4.79 -49.78 -8.51
CA LEU A 89 -4.62 -50.12 -7.10
C LEU A 89 -5.61 -51.20 -6.70
N LYS A 90 -6.82 -51.09 -7.23
CA LYS A 90 -7.89 -52.03 -6.90
C LYS A 90 -7.61 -53.41 -7.46
N LYS A 91 -7.06 -53.47 -8.67
CA LYS A 91 -6.68 -54.73 -9.29
C LYS A 91 -5.68 -55.49 -8.44
N ARG A 92 -4.86 -54.75 -7.69
CA ARG A 92 -3.84 -55.36 -6.85
C ARG A 92 -4.31 -55.47 -5.39
N GLY A 93 -5.58 -55.15 -5.17
CA GLY A 93 -6.16 -55.21 -3.83
C GLY A 93 -5.55 -54.20 -2.88
N MET A 94 -5.08 -53.08 -3.42
CA MET A 94 -4.45 -52.04 -2.61
C MET A 94 -5.39 -50.87 -2.39
N ARG A 95 -5.17 -50.14 -1.30
CA ARG A 95 -6.05 -49.03 -0.93
C ARG A 95 -5.34 -47.69 -0.98
N LEU A 96 -6.10 -46.63 -1.24
CA LEU A 96 -5.52 -45.30 -1.35
C LEU A 96 -6.01 -44.36 -0.24
N MET A 97 -5.04 -43.71 0.41
CA MET A 97 -5.34 -42.65 1.36
C MET A 97 -4.93 -41.31 0.76
N VAL A 98 -5.87 -40.38 0.65
CA VAL A 98 -5.54 -39.06 0.10
C VAL A 98 -5.32 -38.05 1.21
N ASP A 99 -4.65 -36.95 0.86
CA ASP A 99 -4.37 -35.88 1.80
C ASP A 99 -5.51 -34.86 1.75
N VAL A 100 -6.02 -34.48 2.91
CA VAL A 100 -7.10 -33.51 2.97
C VAL A 100 -6.64 -32.22 3.64
N VAL A 101 -6.62 -31.15 2.86
CA VAL A 101 -6.09 -29.86 3.33
C VAL A 101 -7.22 -28.84 3.42
N ILE A 102 -7.89 -28.82 4.57
CA ILE A 102 -9.05 -27.95 4.73
C ILE A 102 -8.95 -27.02 5.94
N ASN A 103 -7.74 -26.83 6.45
CA ASN A 103 -7.51 -25.73 7.40
C ASN A 103 -7.35 -24.45 6.60
N HIS A 104 -6.91 -24.60 5.35
CA HIS A 104 -6.64 -23.47 4.48
C HIS A 104 -6.73 -23.88 3.01
N SER A 105 -6.89 -22.88 2.15
CA SER A 105 -6.86 -23.10 0.71
C SER A 105 -5.80 -22.20 0.10
N SER A 106 -5.60 -22.32 -1.22
CA SER A 106 -4.75 -21.38 -1.93
C SER A 106 -5.44 -20.03 -2.00
N ASP A 107 -4.67 -18.96 -2.18
CA ASP A 107 -5.27 -17.66 -2.39
C ASP A 107 -5.79 -17.54 -3.82
N GLN A 108 -5.51 -18.56 -4.62
CA GLN A 108 -5.99 -18.62 -5.99
C GLN A 108 -7.26 -19.45 -6.13
N HIS A 109 -7.77 -19.97 -5.02
CA HIS A 109 -9.05 -20.66 -5.02
C HIS A 109 -10.16 -19.65 -5.28
N GLU A 110 -11.17 -20.06 -6.04
CA GLU A 110 -12.26 -19.15 -6.41
C GLU A 110 -13.02 -18.61 -5.20
N TRP A 111 -13.05 -19.38 -4.12
CA TRP A 111 -13.67 -18.93 -2.89
C TRP A 111 -12.97 -17.68 -2.35
N PHE A 112 -11.65 -17.65 -2.44
CA PHE A 112 -10.88 -16.55 -1.90
C PHE A 112 -10.83 -15.35 -2.84
N LYS A 113 -10.82 -15.61 -4.13
CA LYS A 113 -10.90 -14.55 -5.12
C LYS A 113 -12.19 -13.76 -4.93
N SER A 114 -13.29 -14.48 -4.73
CA SER A 114 -14.58 -13.86 -4.46
C SER A 114 -14.56 -13.19 -3.10
N SER A 115 -14.01 -13.89 -2.11
CA SER A 115 -13.99 -13.41 -0.73
C SER A 115 -13.30 -12.05 -0.58
N ARG A 116 -12.15 -11.91 -1.25
CA ARG A 116 -11.33 -10.72 -1.09
C ARG A 116 -11.82 -9.52 -1.90
N ALA A 117 -12.76 -9.77 -2.80
CA ALA A 117 -13.20 -8.75 -3.77
C ALA A 117 -14.00 -7.62 -3.13
N SER A 118 -14.71 -7.91 -2.05
CA SER A 118 -15.52 -6.91 -1.36
C SER A 118 -15.82 -7.36 0.06
N LYS A 119 -16.45 -6.48 0.83
CA LYS A 119 -16.82 -6.82 2.20
C LYS A 119 -18.21 -7.48 2.26
N ASP A 120 -18.96 -7.39 1.18
CA ASP A 120 -20.38 -7.78 1.22
C ASP A 120 -20.75 -8.89 0.23
N ASN A 121 -19.84 -9.81 -0.02
CA ASN A 121 -20.12 -10.94 -0.88
C ASN A 121 -20.38 -12.21 -0.05
N PRO A 122 -21.11 -13.18 -0.61
CA PRO A 122 -21.43 -14.41 0.13
C PRO A 122 -20.23 -15.32 0.42
N TYR A 123 -19.03 -14.93 -0.02
CA TYR A 123 -17.85 -15.73 0.26
C TYR A 123 -16.92 -15.03 1.25
N ARG A 124 -17.32 -13.86 1.71
CA ARG A 124 -16.50 -13.08 2.64
C ARG A 124 -16.16 -13.86 3.90
N ASP A 125 -17.15 -14.59 4.42
CA ASP A 125 -16.98 -15.33 5.66
C ASP A 125 -16.53 -16.78 5.44
N TYR A 126 -16.05 -17.08 4.23
CA TYR A 126 -15.39 -18.35 3.98
C TYR A 126 -13.97 -18.29 4.55
N TYR A 127 -13.55 -17.08 4.88
CA TYR A 127 -12.22 -16.84 5.44
C TYR A 127 -12.33 -15.88 6.61
N PHE A 128 -11.19 -15.54 7.22
CA PHE A 128 -11.21 -14.60 8.34
C PHE A 128 -10.69 -13.24 7.94
N TRP A 129 -11.58 -12.26 7.90
CA TRP A 129 -11.20 -10.88 7.60
C TRP A 129 -11.40 -10.01 8.84
N ARG A 130 -10.35 -9.25 9.19
CA ARG A 130 -10.40 -8.42 10.39
C ARG A 130 -9.73 -7.07 10.15
N ASP A 131 -10.25 -6.02 10.80
CA ASP A 131 -9.58 -4.73 10.79
C ASP A 131 -8.31 -4.81 11.63
N GLY A 132 -7.28 -4.08 11.22
CA GLY A 132 -6.08 -4.00 12.02
C GLY A 132 -6.32 -3.12 13.23
N LYS A 133 -5.37 -3.10 14.16
CA LYS A 133 -5.49 -2.22 15.32
C LYS A 133 -4.19 -1.46 15.58
N ASP A 134 -4.33 -0.21 16.00
CA ASP A 134 -3.20 0.66 16.32
C ASP A 134 -2.21 0.77 15.16
N GLY A 135 -2.74 0.83 13.94
CA GLY A 135 -1.92 0.97 12.76
C GLY A 135 -1.23 -0.30 12.30
N HIS A 136 -1.48 -1.41 12.99
CA HIS A 136 -0.84 -2.68 12.66
C HIS A 136 -1.84 -3.82 12.45
N GLU A 137 -1.38 -5.05 12.65
CA GLU A 137 -2.20 -6.25 12.48
C GLU A 137 -3.32 -6.33 13.52
N PRO A 138 -4.37 -7.12 13.25
CA PRO A 138 -5.45 -7.31 14.22
C PRO A 138 -4.95 -7.79 15.58
N ASN A 139 -3.99 -8.71 15.57
CA ASN A 139 -3.34 -9.13 16.81
C ASN A 139 -1.88 -9.51 16.57
N ASN A 140 -1.27 -10.18 17.54
CA ASN A 140 0.14 -10.52 17.45
C ASN A 140 0.43 -11.92 16.90
N TYR A 141 -0.55 -12.53 16.22
CA TYR A 141 -0.40 -13.87 15.64
C TYR A 141 0.77 -13.94 14.65
N PRO A 142 1.75 -14.79 14.95
CA PRO A 142 2.81 -15.05 13.97
C PRO A 142 2.43 -16.24 13.08
N SER A 143 3.00 -16.28 11.87
CA SER A 143 2.77 -17.40 10.96
C SER A 143 3.88 -18.43 11.07
N PHE A 144 3.56 -19.69 10.76
CA PHE A 144 4.55 -20.75 10.78
C PHE A 144 5.53 -20.60 9.63
N PHE A 145 5.11 -19.87 8.60
CA PHE A 145 5.91 -19.70 7.39
C PHE A 145 6.45 -18.27 7.20
N GLY A 146 6.62 -17.55 8.31
CA GLY A 146 7.28 -16.25 8.25
C GLY A 146 6.38 -15.06 8.50
N GLY A 147 6.84 -14.14 9.35
CA GLY A 147 6.12 -12.91 9.64
C GLY A 147 4.77 -13.11 10.29
N SER A 148 3.92 -12.11 10.17
CA SER A 148 2.59 -12.14 10.77
C SER A 148 1.67 -13.15 10.10
N ALA A 149 0.70 -13.65 10.86
CA ALA A 149 -0.34 -14.52 10.32
C ALA A 149 -1.48 -13.70 9.71
N TRP A 150 -1.31 -12.38 9.70
CA TRP A 150 -2.30 -11.48 9.09
C TRP A 150 -1.71 -10.75 7.89
N GLU A 151 -2.45 -10.75 6.78
CA GLU A 151 -1.99 -10.09 5.56
C GLU A 151 -3.06 -9.11 5.08
N LYS A 152 -2.67 -7.84 4.98
CA LYS A 152 -3.61 -6.79 4.58
C LYS A 152 -3.94 -6.81 3.10
N ASP A 153 -5.20 -6.60 2.77
CA ASP A 153 -5.66 -6.53 1.40
C ASP A 153 -6.16 -5.12 1.10
N PRO A 154 -5.46 -4.40 0.21
CA PRO A 154 -5.76 -3.01 -0.14
C PRO A 154 -7.16 -2.82 -0.73
N VAL A 155 -7.76 -3.89 -1.26
CA VAL A 155 -9.09 -3.81 -1.81
C VAL A 155 -10.12 -3.42 -0.75
N THR A 156 -10.02 -4.05 0.43
CA THR A 156 -10.98 -3.77 1.49
C THR A 156 -10.33 -3.09 2.69
N GLY A 157 -9.00 -3.15 2.75
CA GLY A 157 -8.28 -2.53 3.86
C GLY A 157 -8.22 -3.40 5.10
N GLN A 158 -8.76 -4.61 5.01
CA GLN A 158 -8.73 -5.55 6.13
C GLN A 158 -7.63 -6.59 5.94
N TYR A 159 -7.35 -7.35 6.99
CA TYR A 159 -6.34 -8.39 6.97
C TYR A 159 -7.03 -9.76 6.93
N TYR A 160 -6.45 -10.69 6.17
CA TYR A 160 -6.94 -12.07 6.21
C TYR A 160 -5.96 -12.95 6.96
N LEU A 161 -6.47 -14.00 7.58
CA LEU A 161 -5.67 -14.86 8.43
C LEU A 161 -5.03 -16.02 7.68
N HIS A 162 -3.76 -16.28 7.97
CA HIS A 162 -3.07 -17.44 7.43
C HIS A 162 -2.06 -17.96 8.47
N TYR A 163 -2.37 -19.11 9.05
CA TYR A 163 -1.46 -19.73 10.01
C TYR A 163 -0.17 -20.14 9.32
N PHE A 164 -0.27 -20.53 8.06
CA PHE A 164 0.90 -20.89 7.29
C PHE A 164 1.21 -19.82 6.25
N GLY A 165 1.49 -20.24 5.02
CA GLY A 165 1.91 -19.32 3.97
C GLY A 165 0.94 -18.17 3.73
N ARG A 166 1.48 -17.04 3.28
CA ARG A 166 0.67 -15.87 2.92
C ARG A 166 -0.31 -16.22 1.80
N GLN A 167 0.04 -17.23 1.02
CA GLN A 167 -0.81 -17.70 -0.07
C GLN A 167 -1.55 -18.96 0.35
N GLN A 168 -1.73 -19.09 1.65
CA GLN A 168 -2.54 -20.17 2.23
C GLN A 168 -3.49 -19.60 3.28
N PRO A 169 -4.50 -18.82 2.85
CA PRO A 169 -5.45 -18.25 3.80
C PRO A 169 -6.31 -19.30 4.49
N ASP A 170 -6.48 -19.19 5.80
CA ASP A 170 -7.26 -20.16 6.56
C ASP A 170 -8.75 -20.10 6.24
N LEU A 171 -9.36 -21.27 6.11
CA LEU A 171 -10.79 -21.37 5.89
C LEU A 171 -11.54 -21.15 7.20
N ASN A 172 -12.73 -20.56 7.11
CA ASN A 172 -13.51 -20.21 8.29
C ASN A 172 -14.54 -21.30 8.64
N TRP A 173 -14.16 -22.19 9.56
CA TRP A 173 -15.03 -23.26 10.00
C TRP A 173 -16.23 -22.78 10.83
N ASP A 174 -16.21 -21.53 11.27
CA ASP A 174 -17.33 -20.98 12.04
C ASP A 174 -18.53 -20.68 11.14
N THR A 175 -18.30 -20.70 9.83
CA THR A 175 -19.34 -20.44 8.86
C THR A 175 -19.93 -21.76 8.37
N PRO A 176 -21.18 -22.06 8.76
CA PRO A 176 -21.86 -23.31 8.42
C PRO A 176 -21.85 -23.62 6.93
N LYS A 177 -22.05 -22.61 6.10
CA LYS A 177 -22.07 -22.79 4.66
C LYS A 177 -20.72 -23.30 4.17
N LEU A 178 -19.64 -22.79 4.78
CA LEU A 178 -18.30 -23.23 4.43
C LEU A 178 -18.11 -24.69 4.79
N ARG A 179 -18.57 -25.07 5.99
CA ARG A 179 -18.45 -26.46 6.43
C ARG A 179 -19.18 -27.40 5.48
N GLU A 180 -20.36 -26.99 5.04
CA GLU A 180 -21.14 -27.82 4.11
C GLU A 180 -20.43 -27.99 2.77
N GLU A 181 -19.72 -26.94 2.34
CA GLU A 181 -18.94 -27.01 1.12
C GLU A 181 -17.81 -28.03 1.26
N LEU A 182 -17.19 -28.07 2.43
CA LEU A 182 -16.11 -29.00 2.69
C LEU A 182 -16.61 -30.43 2.76
N TYR A 183 -17.79 -30.61 3.35
CA TYR A 183 -18.39 -31.94 3.47
C TYR A 183 -18.74 -32.48 2.09
N ALA A 184 -19.30 -31.63 1.24
CA ALA A 184 -19.66 -32.02 -0.12
C ALA A 184 -18.39 -32.36 -0.89
N MET A 185 -17.33 -31.59 -0.64
CA MET A 185 -16.05 -31.84 -1.27
C MET A 185 -15.49 -33.21 -0.88
N LEU A 186 -15.55 -33.54 0.39
CA LEU A 186 -15.07 -34.84 0.86
C LEU A 186 -15.85 -35.98 0.22
N ARG A 187 -17.16 -35.79 0.08
CA ARG A 187 -18.01 -36.81 -0.52
C ARG A 187 -17.62 -37.05 -1.97
N PHE A 188 -17.22 -35.99 -2.65
CA PHE A 188 -16.79 -36.07 -4.05
C PHE A 188 -15.68 -37.11 -4.23
N TRP A 189 -14.70 -37.10 -3.32
CA TRP A 189 -13.57 -38.03 -3.40
C TRP A 189 -13.92 -39.39 -2.83
N LEU A 190 -14.71 -39.41 -1.77
CA LEU A 190 -15.13 -40.67 -1.15
C LEU A 190 -16.03 -41.46 -2.09
N ASP A 191 -16.85 -40.76 -2.87
CA ASP A 191 -17.71 -41.41 -3.85
C ASP A 191 -16.92 -42.09 -4.95
N LYS A 192 -15.69 -41.63 -5.17
CA LYS A 192 -14.82 -42.21 -6.18
C LYS A 192 -14.15 -43.51 -5.68
N GLY A 193 -14.32 -43.80 -4.39
CA GLY A 193 -13.83 -45.04 -3.82
C GLY A 193 -12.59 -44.90 -2.96
N VAL A 194 -12.24 -43.68 -2.60
CA VAL A 194 -11.07 -43.42 -1.75
C VAL A 194 -11.22 -44.13 -0.40
N SER A 195 -10.17 -44.85 0.01
CA SER A 195 -10.24 -45.70 1.20
C SER A 195 -9.76 -45.01 2.47
N GLY A 196 -9.03 -43.91 2.32
CA GLY A 196 -8.47 -43.23 3.47
C GLY A 196 -8.31 -41.74 3.28
N MET A 197 -8.37 -40.99 4.38
CA MET A 197 -8.14 -39.56 4.34
C MET A 197 -7.24 -39.11 5.48
N ARG A 198 -6.16 -38.42 5.13
CA ARG A 198 -5.25 -37.86 6.12
C ARG A 198 -5.53 -36.37 6.22
N PHE A 199 -5.84 -35.91 7.42
CA PHE A 199 -6.22 -34.52 7.61
C PHE A 199 -5.07 -33.62 8.05
N ASP A 200 -4.61 -32.80 7.11
CA ASP A 200 -3.53 -31.84 7.31
C ASP A 200 -3.89 -30.84 8.41
N THR A 201 -2.94 -30.63 9.34
CA THR A 201 -3.10 -29.75 10.51
C THR A 201 -4.52 -29.69 11.07
N VAL A 202 -5.04 -30.87 11.43
CA VAL A 202 -6.44 -31.02 11.80
C VAL A 202 -6.82 -30.31 13.11
N ALA A 203 -5.83 -30.02 13.94
CA ALA A 203 -6.09 -29.43 15.26
C ALA A 203 -6.25 -27.91 15.24
N THR A 204 -6.04 -27.28 14.10
CA THR A 204 -6.08 -25.82 14.02
C THR A 204 -7.36 -25.26 13.39
N TYR A 205 -8.29 -26.14 13.03
CA TYR A 205 -9.54 -25.75 12.35
C TYR A 205 -10.29 -24.64 13.09
N SER A 206 -10.44 -24.80 14.40
CA SER A 206 -11.20 -23.85 15.19
C SER A 206 -10.34 -22.67 15.64
N LYS A 207 -10.81 -21.46 15.36
CA LYS A 207 -10.11 -20.25 15.76
C LYS A 207 -10.71 -19.70 17.06
N THR A 208 -9.93 -18.86 17.75
CA THR A 208 -10.38 -18.27 19.01
C THR A 208 -11.23 -17.03 18.75
N PRO A 209 -12.47 -17.02 19.25
CA PRO A 209 -13.40 -15.90 19.10
C PRO A 209 -12.79 -14.58 19.56
N GLY A 210 -12.92 -13.54 18.75
CA GLY A 210 -12.44 -12.22 19.11
C GLY A 210 -10.98 -12.00 18.81
N PHE A 211 -10.28 -13.07 18.44
CA PHE A 211 -8.85 -13.03 18.16
C PHE A 211 -8.02 -12.16 19.13
N PRO A 212 -8.10 -12.46 20.45
CA PRO A 212 -7.30 -11.65 21.37
C PRO A 212 -5.81 -11.95 21.22
N ASP A 213 -4.96 -11.01 21.63
CA ASP A 213 -3.52 -11.19 21.55
C ASP A 213 -3.07 -12.44 22.31
N LEU A 214 -1.98 -13.04 21.83
CA LEU A 214 -1.35 -14.11 22.58
C LEU A 214 -0.50 -13.52 23.69
N THR A 215 -0.53 -14.16 24.86
CA THR A 215 0.33 -13.76 25.96
C THR A 215 1.78 -14.09 25.59
N PRO A 216 2.75 -13.45 26.27
CA PRO A 216 4.16 -13.75 26.01
C PRO A 216 4.48 -15.23 26.19
N GLU A 217 3.87 -15.85 27.19
CA GLU A 217 4.01 -17.30 27.39
C GLU A 217 3.47 -18.05 26.18
N GLN A 218 2.26 -17.71 25.77
CA GLN A 218 1.64 -18.35 24.61
C GLN A 218 2.45 -18.09 23.35
N MET A 219 3.04 -16.90 23.28
CA MET A 219 3.84 -16.49 22.12
C MET A 219 5.04 -17.41 21.90
N LYS A 220 5.60 -17.91 23.00
CA LYS A 220 6.78 -18.76 22.94
C LYS A 220 6.49 -20.07 22.19
N ASN A 221 5.29 -20.60 22.37
CA ASN A 221 4.88 -21.80 21.63
C ASN A 221 3.45 -21.61 21.10
N PHE A 222 3.32 -20.74 20.11
CA PHE A 222 2.00 -20.34 19.62
C PHE A 222 1.26 -21.45 18.88
N ALA A 223 1.97 -22.52 18.53
CA ALA A 223 1.32 -23.67 17.89
C ALA A 223 0.26 -24.24 18.80
N GLU A 224 0.56 -24.29 20.09
CA GLU A 224 -0.35 -24.85 21.07
C GLU A 224 -1.65 -24.05 21.12
N ALA A 225 -1.52 -22.73 21.17
CA ALA A 225 -2.70 -21.85 21.24
C ALA A 225 -3.59 -22.00 20.02
N TYR A 226 -2.98 -22.26 18.86
CA TYR A 226 -3.74 -22.43 17.62
C TYR A 226 -4.54 -23.73 17.62
N THR A 227 -4.28 -24.60 18.60
CA THR A 227 -5.03 -25.85 18.70
C THR A 227 -6.08 -25.78 19.79
N GLN A 228 -6.19 -24.62 20.43
CA GLN A 228 -7.12 -24.45 21.54
C GLN A 228 -8.45 -23.82 21.11
N GLY A 229 -8.79 -23.97 19.83
CA GLY A 229 -10.07 -23.49 19.35
C GLY A 229 -11.21 -24.16 20.11
N PRO A 230 -12.16 -23.35 20.60
CA PRO A 230 -13.23 -23.84 21.48
C PRO A 230 -14.19 -24.80 20.79
N ASN A 231 -14.28 -24.73 19.46
CA ASN A 231 -15.23 -25.56 18.73
C ASN A 231 -14.58 -26.67 17.91
N LEU A 232 -13.31 -26.94 18.21
CA LEU A 232 -12.52 -27.91 17.44
C LEU A 232 -13.19 -29.28 17.33
N HIS A 233 -13.47 -29.91 18.47
CA HIS A 233 -14.01 -31.26 18.44
C HIS A 233 -15.48 -31.31 18.06
N ARG A 234 -16.18 -30.21 18.26
CA ARG A 234 -17.53 -30.04 17.76
C ARG A 234 -17.54 -30.15 16.25
N TYR A 235 -16.58 -29.47 15.60
CA TYR A 235 -16.46 -29.51 14.15
C TYR A 235 -16.05 -30.89 13.64
N LEU A 236 -15.10 -31.53 14.31
CA LEU A 236 -14.65 -32.86 13.90
C LEU A 236 -15.77 -33.89 14.03
N GLN A 237 -16.57 -33.76 15.09
CA GLN A 237 -17.69 -34.65 15.29
C GLN A 237 -18.76 -34.44 14.23
N GLU A 238 -19.00 -33.19 13.84
CA GLU A 238 -19.97 -32.89 12.80
C GLU A 238 -19.52 -33.47 11.46
N MET A 239 -18.23 -33.38 11.18
CA MET A 239 -17.68 -33.91 9.94
C MET A 239 -17.86 -35.42 9.86
N HIS A 240 -17.64 -36.10 10.98
CA HIS A 240 -17.87 -37.54 11.06
C HIS A 240 -19.35 -37.87 10.85
N GLU A 241 -20.22 -37.15 11.56
CA GLU A 241 -21.66 -37.37 11.47
C GLU A 241 -22.15 -37.21 10.03
N LYS A 242 -21.71 -36.16 9.37
CA LYS A 242 -22.23 -35.83 8.05
C LYS A 242 -21.47 -36.49 6.90
N VAL A 243 -20.27 -36.99 7.17
CA VAL A 243 -19.46 -37.59 6.12
C VAL A 243 -19.01 -39.02 6.43
N PHE A 244 -18.07 -39.17 7.35
CA PHE A 244 -17.41 -40.46 7.59
C PHE A 244 -18.37 -41.56 8.03
N ASP A 245 -19.42 -41.19 8.74
CA ASP A 245 -20.39 -42.15 9.25
C ASP A 245 -21.12 -42.85 8.10
N HIS A 246 -21.02 -42.30 6.90
CA HIS A 246 -21.71 -42.86 5.74
C HIS A 246 -20.78 -43.63 4.81
N TYR A 247 -19.51 -43.70 5.17
CA TYR A 247 -18.53 -44.41 4.34
C TYR A 247 -17.72 -45.40 5.15
N ASP A 248 -16.87 -46.16 4.47
CA ASP A 248 -16.01 -47.14 5.11
C ASP A 248 -14.56 -46.75 4.91
N ALA A 249 -14.27 -45.46 5.14
CA ALA A 249 -12.93 -44.95 4.96
C ALA A 249 -12.26 -44.72 6.32
N VAL A 250 -10.96 -44.96 6.38
CA VAL A 250 -10.22 -44.68 7.60
C VAL A 250 -9.77 -43.23 7.59
N THR A 251 -9.83 -42.58 8.75
CA THR A 251 -9.41 -41.20 8.86
C THR A 251 -8.19 -41.07 9.77
N ALA A 252 -7.24 -40.24 9.35
CA ALA A 252 -6.04 -40.00 10.13
C ALA A 252 -5.79 -38.50 10.24
N GLY A 253 -5.35 -38.04 11.40
CA GLY A 253 -5.17 -36.63 11.62
C GLY A 253 -3.74 -36.22 11.90
N GLU A 254 -3.27 -35.22 11.18
CA GLU A 254 -1.99 -34.59 11.51
C GLU A 254 -2.25 -33.66 12.67
N ILE A 255 -1.98 -34.13 13.88
CA ILE A 255 -2.24 -33.37 15.09
C ILE A 255 -1.04 -32.50 15.45
N PHE A 256 -0.93 -31.36 14.76
CA PHE A 256 0.22 -30.48 14.92
C PHE A 256 -0.04 -29.38 15.93
N GLY A 257 0.87 -29.26 16.90
CA GLY A 257 0.81 -28.19 17.88
C GLY A 257 0.13 -28.58 19.18
N ALA A 258 -0.65 -29.65 19.16
CA ALA A 258 -1.42 -30.05 20.31
C ALA A 258 -0.60 -30.87 21.30
N PRO A 259 -0.81 -30.65 22.61
CA PRO A 259 -0.17 -31.46 23.65
C PRO A 259 -0.64 -32.90 23.52
N LEU A 260 0.23 -33.84 23.89
CA LEU A 260 -0.09 -35.26 23.77
C LEU A 260 -1.35 -35.66 24.53
N ASN A 261 -1.64 -34.98 25.63
CA ASN A 261 -2.79 -35.32 26.44
C ASN A 261 -4.14 -34.99 25.79
N GLN A 262 -4.11 -34.20 24.72
CA GLN A 262 -5.32 -33.84 23.98
C GLN A 262 -5.65 -34.87 22.91
N VAL A 263 -4.64 -35.65 22.52
CA VAL A 263 -4.75 -36.62 21.44
C VAL A 263 -5.93 -37.62 21.53
N PRO A 264 -6.21 -38.16 22.72
CA PRO A 264 -7.34 -39.09 22.80
C PRO A 264 -8.67 -38.49 22.36
N LEU A 265 -8.81 -37.17 22.48
CA LEU A 265 -10.04 -36.49 22.07
C LEU A 265 -10.25 -36.60 20.56
N PHE A 266 -9.17 -36.82 19.82
CA PHE A 266 -9.22 -36.94 18.37
C PHE A 266 -9.46 -38.39 17.92
N ILE A 267 -8.93 -39.35 18.68
CA ILE A 267 -8.84 -40.72 18.18
C ILE A 267 -9.65 -41.77 18.95
N ASP A 268 -10.22 -41.39 20.08
CA ASP A 268 -11.09 -42.31 20.82
C ASP A 268 -12.28 -42.67 19.93
N SER A 269 -12.37 -43.95 19.58
CA SER A 269 -13.40 -44.43 18.66
C SER A 269 -14.81 -44.10 19.13
N ARG A 270 -15.00 -44.05 20.45
CA ARG A 270 -16.30 -43.73 21.02
C ARG A 270 -16.71 -42.28 20.76
N ARG A 271 -15.74 -41.42 20.56
CA ARG A 271 -16.00 -40.00 20.33
C ARG A 271 -16.44 -39.71 18.90
N LYS A 272 -16.27 -40.70 18.03
CA LYS A 272 -16.64 -40.58 16.61
C LYS A 272 -16.02 -39.36 15.96
N GLU A 273 -14.70 -39.25 16.07
CA GLU A 273 -13.97 -38.20 15.37
C GLU A 273 -13.02 -38.82 14.34
N LEU A 274 -11.76 -39.05 14.73
CA LEU A 274 -10.79 -39.65 13.81
C LEU A 274 -10.39 -41.06 14.25
N ASP A 275 -9.87 -41.84 13.31
CA ASP A 275 -9.44 -43.21 13.59
C ASP A 275 -8.00 -43.30 14.09
N MET A 276 -7.10 -42.56 13.45
CA MET A 276 -5.67 -42.68 13.73
C MET A 276 -5.02 -41.32 13.95
N ALA A 277 -3.94 -41.32 14.73
CA ALA A 277 -3.22 -40.10 15.03
C ALA A 277 -1.81 -40.08 14.44
N PHE A 278 -1.50 -39.00 13.73
CA PHE A 278 -0.12 -38.64 13.44
C PHE A 278 0.29 -37.59 14.46
N THR A 279 1.18 -37.95 15.37
CA THR A 279 1.68 -36.96 16.33
C THR A 279 3.09 -36.51 15.98
N PHE A 280 3.55 -35.44 16.64
CA PHE A 280 4.85 -34.86 16.34
C PHE A 280 5.86 -35.18 17.43
N ASP A 281 5.41 -35.81 18.51
CA ASP A 281 6.23 -36.04 19.69
C ASP A 281 7.53 -36.80 19.38
N LEU A 282 7.41 -37.94 18.69
CA LEU A 282 8.59 -38.74 18.37
C LEU A 282 9.45 -38.12 17.27
N ILE A 283 8.83 -37.76 16.15
CA ILE A 283 9.57 -37.27 15.00
C ILE A 283 10.27 -35.93 15.28
N ARG A 284 9.73 -35.17 16.23
CA ARG A 284 10.34 -33.90 16.61
C ARG A 284 10.89 -33.94 18.04
N TYR A 285 11.22 -35.14 18.52
CA TYR A 285 11.69 -35.33 19.89
C TYR A 285 13.06 -34.68 20.11
N ASP A 286 13.79 -34.46 19.02
CA ASP A 286 15.11 -33.84 19.10
C ASP A 286 15.14 -32.51 18.34
N ARG A 287 13.97 -31.89 18.20
CA ARG A 287 13.90 -30.59 17.52
C ARG A 287 13.65 -29.50 18.56
N ALA A 288 14.23 -28.33 18.33
CA ALA A 288 14.01 -27.20 19.23
C ALA A 288 12.67 -26.55 18.95
N LEU A 289 12.31 -25.60 19.80
CA LEU A 289 11.02 -24.93 19.71
C LEU A 289 10.88 -24.13 18.42
N ASP A 290 12.01 -23.70 17.86
CA ASP A 290 11.99 -22.92 16.61
C ASP A 290 11.79 -23.81 15.38
N ARG A 291 11.76 -25.12 15.60
CA ARG A 291 11.53 -26.11 14.55
C ARG A 291 12.66 -26.23 13.53
N TRP A 292 13.80 -25.61 13.81
CA TRP A 292 14.97 -25.80 12.94
C TRP A 292 16.28 -26.16 13.65
N HIS A 293 16.40 -25.78 14.92
CA HIS A 293 17.55 -26.21 15.70
C HIS A 293 17.38 -27.65 16.16
N THR A 294 18.50 -28.33 16.33
CA THR A 294 18.51 -29.70 16.83
C THR A 294 18.94 -29.71 18.30
N ILE A 295 18.34 -30.59 19.09
CA ILE A 295 18.74 -30.80 20.47
C ILE A 295 19.18 -32.24 20.66
N PRO A 296 20.35 -32.45 21.28
CA PRO A 296 20.84 -33.82 21.49
C PRO A 296 19.90 -34.66 22.34
N ARG A 297 19.61 -35.87 21.88
CA ARG A 297 18.77 -36.82 22.61
C ARG A 297 19.38 -38.21 22.55
N THR A 298 18.95 -39.08 23.48
CA THR A 298 19.44 -40.45 23.51
C THR A 298 18.30 -41.43 23.25
N LEU A 299 18.62 -42.72 23.23
CA LEU A 299 17.63 -43.76 23.04
C LEU A 299 16.59 -43.71 24.16
N ALA A 300 17.05 -43.35 25.37
CA ALA A 300 16.16 -43.20 26.50
C ALA A 300 15.04 -42.19 26.19
N ASP A 301 15.41 -41.04 25.63
CA ASP A 301 14.43 -40.04 25.21
C ASP A 301 13.51 -40.63 24.15
N PHE A 302 14.13 -41.29 23.16
CA PHE A 302 13.41 -41.93 22.06
C PHE A 302 12.33 -42.88 22.56
N ARG A 303 12.70 -43.86 23.37
CA ARG A 303 11.78 -44.90 23.82
C ARG A 303 10.72 -44.38 24.78
N GLN A 304 11.09 -43.41 25.61
CA GLN A 304 10.16 -42.85 26.58
C GLN A 304 9.05 -42.07 25.87
N THR A 305 9.40 -41.42 24.76
CA THR A 305 8.43 -40.71 23.95
C THR A 305 7.44 -41.71 23.34
N ILE A 306 7.96 -42.81 22.82
CA ILE A 306 7.12 -43.86 22.25
C ILE A 306 6.18 -44.41 23.31
N ASP A 307 6.71 -44.61 24.50
CA ASP A 307 5.92 -45.09 25.63
C ASP A 307 4.75 -44.16 25.89
N LYS A 308 5.03 -42.87 25.95
CA LYS A 308 4.01 -41.86 26.19
C LYS A 308 2.96 -41.83 25.09
N VAL A 309 3.42 -41.89 23.84
CA VAL A 309 2.52 -41.88 22.70
C VAL A 309 1.62 -43.11 22.70
N ASP A 310 2.20 -44.27 22.98
CA ASP A 310 1.42 -45.51 23.00
C ASP A 310 0.36 -45.49 24.09
N ALA A 311 0.70 -44.87 25.23
CA ALA A 311 -0.19 -44.83 26.38
C ALA A 311 -1.49 -44.06 26.12
N ILE A 312 -1.40 -42.92 25.44
CA ILE A 312 -2.59 -42.11 25.20
C ILE A 312 -3.55 -42.75 24.21
N ALA A 313 -3.07 -43.73 23.45
CA ALA A 313 -3.95 -44.49 22.56
C ALA A 313 -4.98 -45.25 23.37
N GLY A 314 -4.58 -45.72 24.55
CA GLY A 314 -5.47 -46.42 25.44
C GLY A 314 -6.14 -47.63 24.81
N GLU A 315 -7.37 -47.89 25.21
CA GLU A 315 -8.11 -49.04 24.70
C GLU A 315 -8.87 -48.71 23.40
N TYR A 316 -9.36 -47.48 23.31
CA TYR A 316 -10.28 -47.14 22.22
C TYR A 316 -9.66 -46.27 21.12
N GLY A 317 -8.40 -45.91 21.30
CA GLY A 317 -7.72 -45.07 20.33
C GLY A 317 -6.68 -45.84 19.54
N TRP A 318 -6.09 -45.19 18.53
CA TRP A 318 -5.10 -45.85 17.71
C TRP A 318 -4.07 -44.89 17.16
N ASN A 319 -2.81 -45.32 17.17
CA ASN A 319 -1.71 -44.51 16.67
C ASN A 319 -1.22 -44.97 15.32
N THR A 320 -0.63 -44.04 14.56
CA THR A 320 0.21 -44.42 13.44
C THR A 320 1.62 -44.49 14.01
N PHE A 321 2.53 -45.08 13.25
CA PHE A 321 3.94 -45.01 13.60
C PHE A 321 4.77 -44.76 12.35
N PHE A 322 5.70 -43.81 12.45
CA PHE A 322 6.56 -43.47 11.33
C PHE A 322 7.89 -42.93 11.84
N LEU A 323 8.94 -43.11 11.05
CA LEU A 323 10.24 -42.55 11.39
C LEU A 323 10.62 -41.49 10.36
N GLY A 324 9.77 -41.37 9.34
CA GLY A 324 10.00 -40.39 8.30
C GLY A 324 8.73 -39.96 7.59
N ASN A 325 8.76 -38.73 7.10
CA ASN A 325 7.70 -38.21 6.22
C ASN A 325 8.26 -37.12 5.31
N HIS A 326 7.36 -36.42 4.62
CA HIS A 326 7.76 -35.41 3.65
C HIS A 326 8.28 -34.12 4.28
N ASP A 327 8.22 -34.02 5.60
CA ASP A 327 8.58 -32.78 6.28
C ASP A 327 9.79 -32.94 7.20
N ASN A 328 10.51 -34.04 7.06
CA ASN A 328 11.56 -34.38 8.01
C ASN A 328 12.82 -34.97 7.39
N PRO A 329 13.95 -34.88 8.11
CA PRO A 329 15.17 -35.56 7.64
C PRO A 329 14.92 -37.05 7.50
N ARG A 330 15.76 -37.72 6.71
CA ARG A 330 15.63 -39.15 6.47
C ARG A 330 15.80 -39.96 7.74
N ALA A 331 14.99 -41.00 7.88
CA ALA A 331 14.96 -41.84 9.08
C ALA A 331 16.34 -42.33 9.51
N VAL A 332 17.11 -42.87 8.56
CA VAL A 332 18.41 -43.42 8.90
C VAL A 332 19.41 -42.33 9.32
N SER A 333 19.29 -41.14 8.74
CA SER A 333 20.16 -40.03 9.10
C SER A 333 19.75 -39.46 10.46
N HIS A 334 18.45 -39.52 10.73
CA HIS A 334 17.86 -38.89 11.90
C HIS A 334 17.93 -39.77 13.14
N PHE A 335 17.60 -41.04 12.98
CA PHE A 335 17.53 -41.95 14.13
C PHE A 335 18.66 -42.98 14.14
N GLY A 336 19.32 -43.17 12.99
CA GLY A 336 20.35 -44.18 12.88
C GLY A 336 21.73 -43.58 12.69
N ASP A 337 22.52 -44.22 11.84
CA ASP A 337 23.87 -43.76 11.53
C ASP A 337 24.06 -43.90 10.02
N ASP A 338 23.99 -42.79 9.29
CA ASP A 338 23.99 -42.85 7.84
C ASP A 338 25.39 -42.89 7.22
N ARG A 339 26.42 -42.98 8.08
CA ARG A 339 27.78 -43.18 7.61
C ARG A 339 27.84 -44.48 6.81
N PRO A 340 28.67 -44.51 5.76
CA PRO A 340 28.72 -45.61 4.78
C PRO A 340 28.86 -46.99 5.42
N GLN A 341 29.63 -47.11 6.49
CA GLN A 341 29.87 -48.41 7.10
C GLN A 341 28.76 -48.83 8.07
N TRP A 342 27.88 -47.90 8.43
CA TRP A 342 26.82 -48.21 9.38
C TRP A 342 25.42 -48.01 8.82
N ARG A 343 25.35 -47.42 7.63
CA ARG A 343 24.06 -47.03 7.05
C ARG A 343 23.07 -48.19 6.89
N GLU A 344 23.50 -49.29 6.28
CA GLU A 344 22.61 -50.41 6.05
C GLU A 344 22.20 -51.11 7.33
N ALA A 345 23.17 -51.31 8.23
CA ALA A 345 22.90 -51.97 9.51
C ALA A 345 21.88 -51.19 10.33
N SER A 346 22.10 -49.89 10.49
CA SER A 346 21.20 -49.05 11.26
C SER A 346 19.84 -48.90 10.59
N ALA A 347 19.82 -48.85 9.25
CA ALA A 347 18.57 -48.78 8.50
C ALA A 347 17.70 -50.01 8.74
N LYS A 348 18.34 -51.18 8.79
CA LYS A 348 17.61 -52.42 9.07
C LYS A 348 17.06 -52.40 10.50
N ALA A 349 17.88 -51.91 11.42
CA ALA A 349 17.48 -51.81 12.81
C ALA A 349 16.25 -50.92 12.98
N LEU A 350 16.22 -49.81 12.25
CA LEU A 350 15.06 -48.92 12.29
C LEU A 350 13.83 -49.54 11.63
N ALA A 351 14.08 -50.35 10.60
CA ALA A 351 13.01 -51.09 9.94
C ALA A 351 12.34 -52.04 10.93
N THR A 352 13.15 -52.79 11.66
CA THR A 352 12.66 -53.69 12.70
C THR A 352 11.81 -52.94 13.73
N VAL A 353 12.28 -51.76 14.13
CA VAL A 353 11.52 -50.93 15.06
C VAL A 353 10.19 -50.52 14.46
N THR A 354 10.24 -49.95 13.27
CA THR A 354 9.05 -49.46 12.57
C THR A 354 7.96 -50.53 12.45
N LEU A 355 8.35 -51.74 12.06
CA LEU A 355 7.37 -52.78 11.76
C LEU A 355 6.99 -53.66 12.94
N THR A 356 7.43 -53.28 14.14
CA THR A 356 7.05 -54.01 15.35
C THR A 356 6.44 -53.10 16.42
N GLN A 357 6.12 -51.87 16.03
CA GLN A 357 5.46 -50.94 16.92
C GLN A 357 3.96 -51.19 16.98
N ARG A 358 3.34 -50.89 18.12
CA ARG A 358 1.89 -50.96 18.21
C ARG A 358 1.30 -49.76 17.49
N GLY A 359 0.45 -50.02 16.51
CA GLY A 359 -0.11 -48.97 15.68
C GLY A 359 0.00 -49.32 14.22
N THR A 360 -0.36 -48.38 13.35
CA THR A 360 -0.26 -48.59 11.91
C THR A 360 1.00 -47.93 11.37
N PRO A 361 1.98 -48.74 10.95
CA PRO A 361 3.24 -48.18 10.45
C PRO A 361 3.09 -47.53 9.08
N PHE A 362 3.74 -46.37 8.92
CA PHE A 362 3.82 -45.69 7.63
C PHE A 362 5.28 -45.64 7.21
N ILE A 363 5.59 -46.25 6.08
CA ILE A 363 6.93 -46.22 5.54
C ILE A 363 7.02 -45.11 4.51
N PHE A 364 7.92 -44.16 4.73
CA PHE A 364 8.10 -43.06 3.78
C PHE A 364 8.96 -43.53 2.62
N GLN A 365 8.59 -43.10 1.42
CA GLN A 365 9.24 -43.57 0.19
C GLN A 365 10.76 -43.40 0.20
N GLY A 366 11.46 -44.51 0.02
CA GLY A 366 12.91 -44.48 -0.06
C GLY A 366 13.59 -44.98 1.19
N ASP A 367 12.87 -44.99 2.30
CA ASP A 367 13.44 -45.49 3.55
C ASP A 367 13.68 -46.99 3.48
N GLU A 368 12.93 -47.68 2.61
CA GLU A 368 13.12 -49.10 2.40
C GLU A 368 14.39 -49.36 1.58
N LEU A 369 14.98 -48.29 1.06
CA LEU A 369 16.26 -48.40 0.35
C LEU A 369 17.39 -47.95 1.25
N GLY A 370 17.05 -47.27 2.34
CA GLY A 370 18.06 -46.70 3.22
C GLY A 370 18.60 -45.40 2.68
N MET A 371 17.73 -44.60 2.07
CA MET A 371 18.12 -43.28 1.57
C MET A 371 18.47 -42.34 2.72
N THR A 372 19.35 -41.39 2.45
CA THR A 372 19.89 -40.54 3.51
C THR A 372 19.57 -39.08 3.27
N ASN A 373 20.04 -38.24 4.18
CA ASN A 373 19.96 -36.79 3.99
C ASN A 373 20.76 -36.39 2.76
N TYR A 374 20.37 -35.28 2.15
CA TYR A 374 21.06 -34.77 0.98
C TYR A 374 22.24 -33.89 1.41
N PRO A 375 23.38 -34.01 0.70
CA PRO A 375 24.54 -33.14 0.97
C PRO A 375 24.33 -31.74 0.41
N PHE A 376 23.63 -30.90 1.16
CA PHE A 376 23.34 -29.54 0.74
C PHE A 376 24.63 -28.75 0.52
N LYS A 377 24.62 -27.92 -0.53
CA LYS A 377 25.77 -27.07 -0.84
C LYS A 377 25.32 -25.64 -1.12
N THR A 378 24.50 -25.49 -2.16
CA THR A 378 24.02 -24.18 -2.57
C THR A 378 22.77 -23.77 -1.80
N LEU A 379 22.45 -22.49 -1.84
CA LEU A 379 21.23 -21.98 -1.24
C LEU A 379 20.02 -22.60 -1.92
N GLN A 380 20.11 -22.77 -3.24
CA GLN A 380 19.02 -23.31 -4.05
C GLN A 380 18.61 -24.72 -3.61
N ASP A 381 19.56 -25.46 -3.04
CA ASP A 381 19.28 -26.81 -2.53
C ASP A 381 18.24 -26.78 -1.42
N PHE A 382 18.22 -25.69 -0.66
CA PHE A 382 17.34 -25.56 0.49
C PHE A 382 15.95 -25.05 0.13
N ASP A 383 15.74 -24.68 -1.13
CA ASP A 383 14.52 -24.00 -1.57
C ASP A 383 13.23 -24.67 -1.07
N ASP A 384 12.53 -23.96 -0.20
CA ASP A 384 11.35 -24.48 0.47
C ASP A 384 10.68 -23.33 1.21
N ILE A 385 9.36 -23.30 1.20
CA ILE A 385 8.62 -22.19 1.80
C ILE A 385 8.90 -22.03 3.30
N GLU A 386 9.13 -23.14 3.99
CA GLU A 386 9.37 -23.10 5.44
C GLU A 386 10.71 -22.48 5.81
N VAL A 387 11.78 -22.86 5.11
CA VAL A 387 13.09 -22.28 5.39
C VAL A 387 13.11 -20.82 4.93
N LYS A 388 12.36 -20.51 3.89
CA LYS A 388 12.19 -19.15 3.41
C LYS A 388 11.63 -18.29 4.53
N GLY A 389 10.66 -18.85 5.26
CA GLY A 389 10.10 -18.20 6.43
C GLY A 389 11.11 -18.07 7.56
N PHE A 390 12.00 -19.06 7.69
CA PHE A 390 13.05 -19.00 8.71
C PHE A 390 14.03 -17.85 8.44
N PHE A 391 14.32 -17.61 7.18
CA PHE A 391 15.16 -16.48 6.79
C PHE A 391 14.48 -15.17 7.19
N GLN A 392 13.19 -15.09 6.91
CA GLN A 392 12.40 -13.91 7.25
C GLN A 392 12.39 -13.66 8.75
N ASP A 393 12.25 -14.73 9.53
CA ASP A 393 12.07 -14.60 10.97
C ASP A 393 13.36 -14.59 11.77
N TYR A 394 14.43 -15.13 11.21
CA TYR A 394 15.65 -15.32 11.98
C TYR A 394 16.90 -14.65 11.40
N VAL A 395 16.97 -14.57 10.08
CA VAL A 395 18.14 -13.97 9.43
C VAL A 395 17.93 -12.48 9.18
N GLU A 396 16.79 -12.11 8.62
CA GLU A 396 16.47 -10.71 8.37
C GLU A 396 16.38 -9.91 9.67
N THR A 397 16.03 -10.61 10.74
CA THR A 397 15.86 -9.97 12.05
C THR A 397 17.18 -9.96 12.82
N GLY A 398 18.21 -10.57 12.25
CA GLY A 398 19.52 -10.59 12.84
C GLY A 398 19.66 -11.51 14.03
N LYS A 399 18.68 -12.40 14.23
CA LYS A 399 18.74 -13.36 15.32
C LYS A 399 19.78 -14.44 15.04
N ALA A 400 20.04 -14.66 13.76
CA ALA A 400 21.01 -15.66 13.33
C ALA A 400 21.56 -15.28 11.97
N THR A 401 22.76 -15.78 11.66
CA THR A 401 23.33 -15.56 10.34
C THR A 401 22.78 -16.60 9.37
N ALA A 402 22.91 -16.32 8.08
CA ALA A 402 22.48 -17.26 7.05
C ALA A 402 23.24 -18.56 7.18
N GLU A 403 24.52 -18.46 7.52
CA GLU A 403 25.38 -19.62 7.68
C GLU A 403 24.90 -20.50 8.83
N GLU A 404 24.55 -19.86 9.94
CA GLU A 404 24.01 -20.56 11.09
C GLU A 404 22.73 -21.32 10.74
N LEU A 405 21.82 -20.62 10.05
CA LEU A 405 20.56 -21.22 9.65
C LEU A 405 20.78 -22.46 8.78
N LEU A 406 21.60 -22.31 7.75
CA LEU A 406 21.82 -23.39 6.79
C LEU A 406 22.56 -24.57 7.40
N THR A 407 23.48 -24.28 8.33
CA THR A 407 24.20 -25.33 9.05
C THR A 407 23.22 -26.25 9.74
N ASN A 408 22.22 -25.65 10.40
CA ASN A 408 21.22 -26.42 11.12
C ASN A 408 20.16 -27.03 10.20
N VAL A 409 19.64 -26.23 9.29
CA VAL A 409 18.60 -26.67 8.37
C VAL A 409 19.08 -27.83 7.48
N ALA A 410 20.39 -27.91 7.25
CA ALA A 410 20.96 -29.04 6.51
C ALA A 410 20.56 -30.36 7.16
N LEU A 411 20.42 -30.34 8.49
CA LEU A 411 20.05 -31.52 9.25
C LEU A 411 18.53 -31.69 9.37
N THR A 412 17.78 -30.60 9.23
CA THR A 412 16.34 -30.65 9.47
C THR A 412 15.47 -30.30 8.26
N SER A 413 16.09 -29.90 7.15
CA SER A 413 15.36 -29.47 5.96
C SER A 413 14.34 -30.51 5.48
N ARG A 414 13.16 -30.03 5.09
CA ARG A 414 12.13 -30.88 4.53
C ARG A 414 12.59 -31.46 3.19
N ASN A 415 13.49 -30.76 2.52
CA ASN A 415 14.02 -31.23 1.24
C ASN A 415 14.85 -32.51 1.36
N ASN A 416 15.31 -32.83 2.57
CA ASN A 416 16.00 -34.09 2.81
C ASN A 416 15.14 -35.27 2.40
N ALA A 417 13.83 -35.12 2.52
CA ALA A 417 12.90 -36.20 2.26
C ALA A 417 12.32 -36.12 0.85
N ARG A 418 12.65 -35.04 0.14
CA ARG A 418 11.97 -34.73 -1.12
C ARG A 418 12.86 -34.89 -2.35
N THR A 419 14.07 -35.39 -2.15
CA THR A 419 14.94 -35.68 -3.29
C THR A 419 14.37 -36.88 -4.03
N PRO A 420 14.48 -36.90 -5.37
CA PRO A 420 13.93 -37.95 -6.23
C PRO A 420 14.20 -39.36 -5.72
N PHE A 421 13.18 -40.19 -5.73
CA PHE A 421 13.31 -41.60 -5.37
C PHE A 421 14.37 -42.22 -6.27
N GLN A 422 15.23 -43.04 -5.68
CA GLN A 422 16.35 -43.61 -6.41
C GLN A 422 16.04 -45.04 -6.91
N TRP A 423 15.66 -45.11 -8.19
CA TRP A 423 15.19 -46.35 -8.79
C TRP A 423 16.30 -47.26 -9.30
N ASP A 424 17.28 -46.68 -9.99
CA ASP A 424 18.42 -47.42 -10.49
C ASP A 424 19.66 -46.52 -10.52
N ASP A 425 20.69 -46.93 -11.24
CA ASP A 425 21.91 -46.12 -11.33
C ASP A 425 22.04 -45.38 -12.66
N SER A 426 20.96 -45.26 -13.40
CA SER A 426 20.96 -44.47 -14.62
C SER A 426 20.92 -42.98 -14.26
N ALA A 427 20.81 -42.13 -15.28
CA ALA A 427 20.79 -40.69 -15.08
C ALA A 427 19.69 -40.29 -14.11
N ASN A 428 20.07 -39.54 -13.07
CA ASN A 428 19.13 -39.09 -12.05
C ASN A 428 18.40 -40.24 -11.38
N ALA A 429 19.12 -41.34 -11.19
CA ALA A 429 18.61 -42.52 -10.50
C ALA A 429 17.35 -43.11 -11.11
N GLY A 430 17.13 -42.84 -12.39
CA GLY A 430 15.98 -43.39 -13.11
C GLY A 430 14.65 -42.77 -12.69
N PHE A 431 14.72 -41.62 -12.03
CA PHE A 431 13.51 -40.89 -11.64
C PHE A 431 12.93 -40.13 -12.82
N THR A 432 13.81 -39.53 -13.62
CA THR A 432 13.38 -38.72 -14.75
C THR A 432 14.37 -38.80 -15.90
N THR A 433 13.91 -38.46 -17.10
CA THR A 433 14.79 -38.38 -18.26
C THR A 433 15.26 -36.95 -18.46
N GLY A 434 14.62 -36.02 -17.77
CA GLY A 434 14.98 -34.61 -17.86
C GLY A 434 15.77 -34.14 -16.65
N LYS A 435 15.47 -32.93 -16.20
CA LYS A 435 16.12 -32.37 -15.03
C LYS A 435 15.17 -32.33 -13.85
N PRO A 436 15.50 -33.10 -12.79
CA PRO A 436 14.65 -33.21 -11.60
C PRO A 436 14.47 -31.87 -10.91
N TRP A 437 13.27 -31.61 -10.40
CA TRP A 437 12.96 -30.35 -9.75
C TRP A 437 13.85 -30.12 -8.53
N LEU A 438 14.32 -31.21 -7.94
CA LEU A 438 15.27 -31.15 -6.84
C LEU A 438 16.39 -32.14 -7.17
N LYS A 439 17.63 -31.77 -6.89
CA LYS A 439 18.77 -32.60 -7.24
C LYS A 439 18.75 -33.97 -6.55
N VAL A 440 19.13 -34.99 -7.32
CA VAL A 440 19.23 -36.36 -6.81
C VAL A 440 20.43 -36.48 -5.87
N ASN A 441 20.26 -37.21 -4.78
CA ASN A 441 21.38 -37.51 -3.90
C ASN A 441 22.43 -38.30 -4.67
N PRO A 442 23.69 -37.81 -4.66
CA PRO A 442 24.81 -38.46 -5.33
C PRO A 442 25.01 -39.92 -4.93
N ASN A 443 24.54 -40.32 -3.75
CA ASN A 443 24.73 -41.69 -3.29
C ASN A 443 23.81 -42.70 -3.96
N TYR A 444 23.10 -42.27 -5.01
CA TYR A 444 22.19 -43.16 -5.72
C TYR A 444 22.93 -44.28 -6.45
N THR A 445 24.20 -44.07 -6.73
CA THR A 445 25.01 -45.06 -7.45
C THR A 445 25.15 -46.36 -6.65
N GLU A 446 25.05 -46.25 -5.32
CA GLU A 446 25.07 -47.44 -4.46
C GLU A 446 23.76 -47.62 -3.69
N ILE A 447 22.90 -46.61 -3.71
CA ILE A 447 21.59 -46.70 -3.07
C ILE A 447 20.49 -46.51 -4.11
N ASN A 448 20.00 -47.62 -4.65
CA ASN A 448 18.92 -47.57 -5.61
C ASN A 448 18.09 -48.84 -5.59
N ALA A 449 16.84 -48.74 -6.02
CA ALA A 449 15.91 -49.86 -5.96
C ALA A 449 16.43 -51.08 -6.72
N ALA A 450 16.91 -50.87 -7.93
CA ALA A 450 17.37 -51.97 -8.79
C ALA A 450 18.44 -52.85 -8.13
N ARG A 451 19.41 -52.22 -7.47
CA ARG A 451 20.48 -52.97 -6.83
C ARG A 451 19.99 -53.75 -5.63
N GLU A 452 18.95 -53.26 -4.97
CA GLU A 452 18.50 -53.87 -3.72
C GLU A 452 17.42 -54.95 -3.91
N ILE A 453 16.64 -54.85 -4.97
CA ILE A 453 15.63 -55.87 -5.27
C ILE A 453 16.29 -57.24 -5.42
N GLY A 454 17.37 -57.28 -6.17
CA GLY A 454 18.04 -58.54 -6.49
C GLY A 454 18.90 -59.08 -5.36
N ASP A 455 19.21 -58.24 -4.39
CA ASP A 455 20.07 -58.63 -3.27
C ASP A 455 19.24 -58.97 -2.04
N PRO A 456 19.24 -60.26 -1.67
CA PRO A 456 18.48 -60.75 -0.50
C PRO A 456 19.05 -60.25 0.83
N LYS A 457 20.21 -59.62 0.79
CA LYS A 457 20.84 -59.11 2.00
C LYS A 457 20.64 -57.61 2.16
N SER A 458 19.91 -57.02 1.21
CA SER A 458 19.72 -55.57 1.16
C SER A 458 18.78 -55.06 2.24
N VAL A 459 18.67 -53.74 2.33
CA VAL A 459 17.72 -53.10 3.22
C VAL A 459 16.31 -53.38 2.74
N TYR A 460 16.11 -53.30 1.43
CA TYR A 460 14.82 -53.57 0.81
C TYR A 460 14.28 -54.95 1.17
N SER A 461 15.14 -55.95 1.03
CA SER A 461 14.74 -57.33 1.29
C SER A 461 14.43 -57.53 2.76
N PHE A 462 15.13 -56.80 3.61
CA PHE A 462 14.88 -56.88 5.04
C PHE A 462 13.54 -56.26 5.39
N TYR A 463 13.25 -55.09 4.83
CA TYR A 463 11.94 -54.47 4.94
C TYR A 463 10.86 -55.44 4.45
N ARG A 464 11.09 -56.04 3.29
CA ARG A 464 10.12 -56.95 2.69
C ARG A 464 9.87 -58.17 3.58
N ASN A 465 10.93 -58.70 4.17
CA ASN A 465 10.81 -59.82 5.09
C ASN A 465 10.10 -59.44 6.38
N LEU A 466 10.36 -58.23 6.87
CA LEU A 466 9.72 -57.74 8.08
C LEU A 466 8.23 -57.52 7.87
N ILE A 467 7.88 -56.98 6.72
CA ILE A 467 6.48 -56.75 6.37
C ILE A 467 5.75 -58.08 6.33
N SER A 468 6.36 -59.07 5.70
CA SER A 468 5.81 -60.41 5.62
C SER A 468 5.60 -61.00 7.01
N ILE A 469 6.60 -60.85 7.87
CA ILE A 469 6.52 -61.37 9.23
C ILE A 469 5.42 -60.70 10.06
N ARG A 470 5.34 -59.38 9.96
CA ARG A 470 4.29 -58.63 10.66
C ARG A 470 2.91 -59.07 10.22
N HIS A 471 2.75 -59.29 8.91
CA HIS A 471 1.48 -59.71 8.34
C HIS A 471 1.02 -61.07 8.88
N GLU A 472 1.98 -61.95 9.18
CA GLU A 472 1.67 -63.30 9.62
C GLU A 472 1.62 -63.41 11.14
N THR A 473 1.85 -62.29 11.82
CA THR A 473 1.95 -62.30 13.28
C THR A 473 1.11 -61.19 13.89
N PRO A 474 -0.14 -61.52 14.28
CA PRO A 474 -1.10 -60.57 14.85
C PRO A 474 -0.55 -59.74 16.00
N ALA A 475 0.23 -60.36 16.88
CA ALA A 475 0.74 -59.66 18.06
C ALA A 475 1.63 -58.47 17.68
N LEU A 476 2.24 -58.52 16.51
CA LEU A 476 3.15 -57.46 16.08
C LEU A 476 2.39 -56.21 15.62
N SER A 477 1.08 -56.36 15.39
CA SER A 477 0.27 -55.22 15.01
C SER A 477 -0.67 -54.79 16.14
N THR A 478 -1.65 -55.64 16.45
CA THR A 478 -2.67 -55.31 17.43
C THR A 478 -2.33 -55.78 18.84
N GLY A 479 -1.14 -56.34 19.02
CA GLY A 479 -0.73 -56.83 20.32
C GLY A 479 -0.39 -55.71 21.28
N SER A 480 -0.36 -56.02 22.57
CA SER A 480 0.00 -55.04 23.59
C SER A 480 1.46 -54.64 23.45
N TYR A 481 1.83 -53.55 24.12
CA TYR A 481 3.20 -53.05 24.06
C TYR A 481 3.77 -52.80 25.45
N ARG A 482 5.00 -53.25 25.66
CA ARG A 482 5.67 -53.00 26.93
C ARG A 482 7.18 -52.83 26.76
N ASP A 483 7.68 -51.66 27.16
CA ASP A 483 9.11 -51.39 27.16
C ASP A 483 9.74 -52.13 28.32
N ILE A 484 10.78 -52.91 28.04
CA ILE A 484 11.47 -53.68 29.06
C ILE A 484 12.24 -52.78 30.04
N ASP A 485 12.88 -51.75 29.51
CA ASP A 485 13.70 -50.86 30.32
C ASP A 485 13.78 -49.46 29.73
N PRO A 486 12.76 -48.63 30.02
CA PRO A 486 12.66 -47.25 29.51
C PRO A 486 13.89 -46.39 29.77
N SER A 487 14.70 -46.74 30.76
CA SER A 487 15.88 -45.93 31.09
C SER A 487 17.11 -46.33 30.28
N ASN A 488 17.09 -47.51 29.69
CA ASN A 488 18.23 -48.00 28.92
C ASN A 488 18.44 -47.18 27.65
N ALA A 489 19.66 -46.68 27.47
CA ALA A 489 19.97 -45.80 26.34
C ALA A 489 20.85 -46.48 25.29
N ASP A 490 21.19 -47.75 25.52
CA ASP A 490 22.02 -48.50 24.58
C ASP A 490 21.18 -49.41 23.70
N VAL A 491 20.37 -50.24 24.33
CA VAL A 491 19.62 -51.28 23.62
C VAL A 491 18.12 -51.08 23.78
N TYR A 492 17.41 -51.03 22.66
CA TYR A 492 15.97 -50.89 22.67
C TYR A 492 15.33 -52.28 22.70
N ALA A 493 14.58 -52.55 23.76
CA ALA A 493 13.98 -53.87 23.93
C ALA A 493 12.56 -53.77 24.47
N TYR A 494 11.65 -54.48 23.82
CA TYR A 494 10.25 -54.47 24.22
C TYR A 494 9.52 -55.73 23.78
N THR A 495 8.35 -55.96 24.38
CA THR A 495 7.54 -57.12 24.03
C THR A 495 6.23 -56.73 23.37
N ARG A 496 5.70 -57.64 22.56
CA ARG A 496 4.38 -57.51 21.99
C ARG A 496 3.63 -58.80 22.28
N SER A 497 2.44 -58.69 22.86
CA SER A 497 1.72 -59.88 23.29
C SER A 497 0.26 -59.87 22.84
N GLN A 498 -0.23 -61.05 22.48
CA GLN A 498 -1.63 -61.23 22.11
C GLN A 498 -2.01 -62.70 22.11
N ASP A 499 -3.13 -63.01 22.75
CA ASP A 499 -3.68 -64.37 22.78
C ASP A 499 -2.71 -65.40 23.35
N GLY A 500 -1.99 -65.02 24.40
CA GLY A 500 -1.08 -65.93 25.07
C GLY A 500 0.26 -66.08 24.37
N GLU A 501 0.42 -65.41 23.23
CA GLU A 501 1.67 -65.44 22.50
C GLU A 501 2.44 -64.12 22.66
N THR A 502 3.67 -64.23 23.17
CA THR A 502 4.48 -63.04 23.44
C THR A 502 5.75 -63.01 22.59
N TYR A 503 6.00 -61.87 21.96
CA TYR A 503 7.18 -61.71 21.14
C TYR A 503 8.12 -60.68 21.74
N LEU A 504 9.42 -60.86 21.51
CA LEU A 504 10.44 -59.97 22.03
C LEU A 504 11.20 -59.30 20.91
N VAL A 505 11.32 -57.97 21.00
CA VAL A 505 12.09 -57.22 20.02
C VAL A 505 13.29 -56.61 20.71
N VAL A 506 14.48 -56.84 20.16
CA VAL A 506 15.70 -56.30 20.73
C VAL A 506 16.51 -55.59 19.65
N VAL A 507 16.79 -54.31 19.86
CA VAL A 507 17.52 -53.51 18.88
C VAL A 507 18.68 -52.74 19.51
N ASN A 508 19.90 -53.02 19.03
CA ASN A 508 21.08 -52.31 19.50
C ASN A 508 21.23 -50.98 18.77
N PHE A 509 21.18 -49.87 19.51
CA PHE A 509 21.29 -48.55 18.91
C PHE A 509 22.72 -48.01 18.95
N LYS A 510 23.66 -48.86 19.35
CA LYS A 510 25.07 -48.46 19.41
C LYS A 510 25.87 -49.10 18.28
N ALA A 511 26.94 -48.43 17.87
CA ALA A 511 27.85 -48.96 16.86
C ALA A 511 28.93 -49.79 17.54
N GLU A 512 28.59 -50.38 18.68
CA GLU A 512 29.50 -51.19 19.46
C GLU A 512 28.77 -52.44 19.93
N PRO A 513 29.53 -53.51 20.23
CA PRO A 513 28.87 -54.71 20.77
C PRO A 513 28.23 -54.42 22.12
N ARG A 514 27.05 -54.99 22.35
CA ARG A 514 26.35 -54.81 23.61
C ARG A 514 25.75 -56.14 24.07
N SER A 515 25.48 -56.26 25.35
CA SER A 515 24.82 -57.43 25.90
C SER A 515 23.41 -57.07 26.33
N PHE A 516 22.50 -58.04 26.26
CA PHE A 516 21.14 -57.85 26.75
C PHE A 516 20.64 -59.07 27.50
N THR A 517 20.16 -58.84 28.72
CA THR A 517 19.64 -59.91 29.55
C THR A 517 18.13 -59.87 29.60
N LEU A 518 17.50 -61.00 29.27
CA LEU A 518 16.04 -61.07 29.27
C LEU A 518 15.49 -60.92 30.69
N PRO A 519 14.26 -60.40 30.82
CA PRO A 519 13.59 -60.31 32.13
C PRO A 519 13.49 -61.67 32.79
N ASP A 520 13.41 -61.68 34.13
CA ASP A 520 13.33 -62.92 34.90
C ASP A 520 12.22 -63.83 34.41
N GLY A 521 12.56 -65.09 34.14
CA GLY A 521 11.57 -66.08 33.74
C GLY A 521 11.20 -66.03 32.27
N MET A 522 11.92 -65.21 31.50
CA MET A 522 11.68 -65.14 30.06
C MET A 522 12.84 -65.76 29.28
N HIS A 523 12.49 -66.61 28.32
CA HIS A 523 13.51 -67.32 27.53
C HIS A 523 13.14 -67.36 26.05
N ILE A 524 14.16 -67.31 25.20
CA ILE A 524 13.96 -67.36 23.75
C ILE A 524 13.37 -68.70 23.35
N ALA A 525 12.29 -68.67 22.58
CA ALA A 525 11.69 -69.87 22.03
C ALA A 525 12.10 -70.04 20.57
N GLU A 526 11.86 -69.02 19.77
CA GLU A 526 12.24 -69.03 18.36
C GLU A 526 12.86 -67.70 17.95
N THR A 527 13.70 -67.74 16.92
CA THR A 527 14.17 -66.51 16.29
C THR A 527 13.44 -66.33 14.97
N LEU A 528 12.68 -65.25 14.87
CA LEU A 528 11.92 -64.96 13.66
C LEU A 528 12.82 -64.35 12.59
N ILE A 529 13.65 -63.39 13.01
CA ILE A 529 14.53 -62.69 12.08
C ILE A 529 15.56 -61.87 12.85
N GLU A 530 16.70 -61.62 12.21
CA GLU A 530 17.74 -60.77 12.78
C GLU A 530 18.45 -59.99 11.68
N SER A 531 19.03 -58.86 12.04
CA SER A 531 19.89 -58.12 11.13
C SER A 531 21.26 -57.95 11.76
N SER A 532 22.30 -58.06 10.94
CA SER A 532 23.68 -57.89 11.38
C SER A 532 24.06 -58.87 12.50
N SER A 533 23.44 -60.06 12.50
CA SER A 533 23.76 -61.08 13.47
C SER A 533 24.41 -62.29 12.80
N PRO A 534 25.57 -62.72 13.31
CA PRO A 534 26.27 -63.89 12.77
C PRO A 534 25.62 -65.21 13.20
N ALA A 535 24.90 -65.19 14.32
CA ALA A 535 24.25 -66.39 14.82
C ALA A 535 23.03 -66.09 15.69
N ALA A 536 21.95 -66.82 15.43
CA ALA A 536 20.74 -66.71 16.24
C ALA A 536 21.00 -67.29 17.63
N PRO A 537 20.27 -66.81 18.65
CA PRO A 537 20.44 -67.37 19.99
C PRO A 537 19.95 -68.82 20.05
N ALA A 538 20.49 -69.59 20.99
CA ALA A 538 20.03 -70.95 21.19
C ALA A 538 18.65 -70.94 21.86
N ALA A 539 17.84 -71.94 21.56
CA ALA A 539 16.52 -72.05 22.17
C ALA A 539 16.65 -72.16 23.69
N GLY A 540 16.03 -71.22 24.40
CA GLY A 540 16.08 -71.22 25.85
C GLY A 540 17.07 -70.22 26.42
N ALA A 541 17.67 -69.42 25.54
CA ALA A 541 18.64 -68.41 25.96
C ALA A 541 17.99 -67.38 26.88
N ALA A 542 18.72 -66.98 27.92
CA ALA A 542 18.23 -66.00 28.87
C ALA A 542 18.90 -64.65 28.63
N SER A 543 19.74 -64.60 27.61
CA SER A 543 20.44 -63.38 27.25
C SER A 543 20.86 -63.39 25.80
N LEU A 544 21.24 -62.23 25.28
CA LEU A 544 21.71 -62.11 23.92
C LEU A 544 23.05 -61.39 23.87
N GLU A 545 23.86 -61.73 22.88
CA GLU A 545 25.04 -60.94 22.58
C GLU A 545 24.79 -60.23 21.27
N LEU A 546 24.85 -58.90 21.30
CA LEU A 546 24.45 -58.10 20.15
C LEU A 546 25.63 -57.48 19.42
N GLN A 547 25.61 -57.59 18.11
CA GLN A 547 26.58 -56.90 17.27
C GLN A 547 26.19 -55.43 17.21
N PRO A 548 27.12 -54.58 16.74
CA PRO A 548 26.76 -53.18 16.49
C PRO A 548 25.52 -53.06 15.60
N TRP A 549 24.51 -52.34 16.08
CA TRP A 549 23.28 -52.10 15.33
C TRP A 549 22.45 -53.34 14.99
N GLN A 550 22.68 -54.43 15.73
CA GLN A 550 21.92 -55.65 15.54
C GLN A 550 20.46 -55.49 15.98
N SER A 551 19.54 -56.00 15.17
CA SER A 551 18.13 -56.04 15.56
C SER A 551 17.63 -57.47 15.48
N GLY A 552 16.51 -57.76 16.15
CA GLY A 552 15.95 -59.09 16.12
C GLY A 552 14.54 -59.20 16.65
N ILE A 553 13.79 -60.14 16.09
CA ILE A 553 12.46 -60.46 16.57
C ILE A 553 12.43 -61.91 17.04
N TYR A 554 12.07 -62.12 18.29
CA TYR A 554 12.10 -63.45 18.88
C TYR A 554 10.77 -63.81 19.52
N LYS A 555 10.33 -65.04 19.31
CA LYS A 555 9.20 -65.55 20.08
C LYS A 555 9.74 -66.09 21.39
N VAL A 556 9.09 -65.75 22.49
CA VAL A 556 9.56 -66.18 23.80
C VAL A 556 8.58 -67.12 24.48
N LYS A 557 9.04 -67.74 25.56
CA LYS A 557 8.21 -68.65 26.34
C LYS A 557 8.36 -68.35 27.82
N ALA B 4 -25.73 47.66 -15.21
CA ALA B 4 -24.38 47.36 -14.73
C ALA B 4 -24.36 47.01 -13.24
N PRO B 5 -23.94 45.78 -12.92
CA PRO B 5 -23.85 45.29 -11.53
C PRO B 5 -22.85 46.09 -10.70
N TRP B 6 -22.96 45.99 -9.38
CA TRP B 6 -22.11 46.75 -8.46
C TRP B 6 -20.62 46.45 -8.64
N TRP B 7 -20.30 45.21 -9.03
CA TRP B 7 -18.91 44.78 -9.08
C TRP B 7 -18.14 45.31 -10.29
N LYS B 8 -18.86 45.77 -11.31
CA LYS B 8 -18.20 46.35 -12.48
C LYS B 8 -17.63 47.73 -12.17
N SER B 9 -18.21 48.42 -11.21
CA SER B 9 -17.76 49.77 -10.88
C SER B 9 -17.03 49.83 -9.55
N ALA B 10 -16.87 48.67 -8.91
CA ALA B 10 -16.22 48.60 -7.60
C ALA B 10 -14.69 48.59 -7.68
N VAL B 11 -14.06 49.08 -6.61
CA VAL B 11 -12.63 48.97 -6.45
C VAL B 11 -12.33 47.91 -5.40
N PHE B 12 -11.59 46.88 -5.80
CA PHE B 12 -11.26 45.78 -4.89
C PHE B 12 -9.87 45.91 -4.30
N TYR B 13 -9.72 45.40 -3.08
CA TYR B 13 -8.44 45.38 -2.40
C TYR B 13 -8.17 43.95 -1.97
N GLN B 14 -7.03 43.40 -2.36
CA GLN B 14 -6.70 42.04 -1.96
C GLN B 14 -5.89 42.00 -0.68
N VAL B 15 -6.43 41.36 0.34
CA VAL B 15 -5.72 41.19 1.60
C VAL B 15 -5.19 39.77 1.74
N TYR B 16 -3.89 39.66 2.00
CA TYR B 16 -3.25 38.40 2.30
C TYR B 16 -3.14 38.35 3.82
N PRO B 17 -4.13 37.72 4.49
CA PRO B 17 -4.27 37.82 5.94
C PRO B 17 -3.01 37.44 6.70
N ARG B 18 -2.26 36.48 6.18
CA ARG B 18 -1.04 36.01 6.82
C ARG B 18 0.00 37.13 6.99
N SER B 19 -0.02 38.11 6.09
CA SER B 19 1.00 39.15 6.11
C SER B 19 0.43 40.56 6.24
N PHE B 20 -0.81 40.66 6.70
CA PHE B 20 -1.48 41.96 6.79
C PHE B 20 -1.29 42.62 8.16
N LYS B 21 -1.85 42.02 9.21
CA LYS B 21 -1.71 42.57 10.56
C LYS B 21 -1.82 41.49 11.63
N ASP B 22 -0.81 41.43 12.49
CA ASP B 22 -0.76 40.47 13.59
C ASP B 22 -1.19 41.16 14.89
N THR B 23 -2.07 40.51 15.65
CA THR B 23 -2.57 41.11 16.90
C THR B 23 -2.26 40.29 18.15
N ASN B 24 -1.55 39.17 18.00
CA ASN B 24 -1.21 38.36 19.16
C ASN B 24 0.27 37.95 19.23
N GLY B 25 1.10 38.63 18.44
CA GLY B 25 2.54 38.49 18.53
C GLY B 25 3.15 37.16 18.09
N ASP B 26 2.39 36.36 17.35
CA ASP B 26 2.92 35.09 16.86
C ASP B 26 3.62 35.24 15.51
N GLY B 27 3.62 36.48 15.00
CA GLY B 27 4.31 36.78 13.75
C GLY B 27 3.47 36.48 12.51
N ILE B 28 2.23 36.07 12.73
CA ILE B 28 1.33 35.75 11.64
C ILE B 28 0.10 36.66 11.69
N GLY B 29 -0.29 37.21 10.54
CA GLY B 29 -1.46 38.06 10.49
C GLY B 29 -2.73 37.30 10.79
N ASP B 30 -3.75 38.02 11.26
CA ASP B 30 -4.99 37.39 11.69
C ASP B 30 -6.22 38.22 11.39
N PHE B 31 -7.40 37.65 11.66
CA PHE B 31 -8.68 38.30 11.40
C PHE B 31 -8.84 39.57 12.23
N LYS B 32 -8.46 39.49 13.49
CA LYS B 32 -8.57 40.63 14.40
C LYS B 32 -7.75 41.80 13.88
N GLY B 33 -6.61 41.49 13.26
CA GLY B 33 -5.76 42.50 12.67
C GLY B 33 -6.39 43.15 11.45
N LEU B 34 -7.04 42.35 10.62
CA LEU B 34 -7.75 42.85 9.46
C LEU B 34 -8.92 43.73 9.89
N THR B 35 -9.65 43.27 10.90
CA THR B 35 -10.81 44.00 11.40
C THR B 35 -10.39 45.35 11.98
N GLU B 36 -9.22 45.38 12.63
CA GLU B 36 -8.67 46.62 13.17
C GLU B 36 -8.37 47.65 12.09
N LYS B 37 -8.17 47.17 10.87
CA LYS B 37 -7.69 48.03 9.79
C LYS B 37 -8.75 48.35 8.74
N LEU B 38 -10.00 48.04 9.05
CA LEU B 38 -11.08 48.31 8.11
C LEU B 38 -11.28 49.81 7.87
N ASP B 39 -11.07 50.60 8.92
CA ASP B 39 -11.16 52.05 8.81
C ASP B 39 -10.12 52.59 7.83
N TYR B 40 -8.92 52.02 7.88
CA TYR B 40 -7.86 52.38 6.95
C TYR B 40 -8.26 52.08 5.51
N LEU B 41 -8.76 50.87 5.28
CA LEU B 41 -9.19 50.46 3.95
C LEU B 41 -10.39 51.26 3.48
N LYS B 42 -11.34 51.49 4.37
CA LYS B 42 -12.50 52.33 4.05
C LYS B 42 -12.05 53.75 3.68
N GLY B 43 -11.18 54.32 4.48
CA GLY B 43 -10.65 55.65 4.22
C GLY B 43 -9.90 55.77 2.91
N LEU B 44 -9.34 54.65 2.44
CA LEU B 44 -8.67 54.61 1.15
C LEU B 44 -9.70 54.67 0.03
N GLY B 45 -10.91 54.21 0.32
CA GLY B 45 -11.99 54.21 -0.65
C GLY B 45 -12.34 52.83 -1.17
N ILE B 46 -11.90 51.80 -0.46
CA ILE B 46 -12.12 50.42 -0.88
C ILE B 46 -13.58 49.97 -0.77
N ASP B 47 -14.13 49.43 -1.86
CA ASP B 47 -15.51 48.95 -1.88
C ASP B 47 -15.61 47.51 -1.35
N ALA B 48 -14.63 46.69 -1.68
CA ALA B 48 -14.70 45.26 -1.35
C ALA B 48 -13.33 44.65 -1.21
N ILE B 49 -13.25 43.60 -0.39
CA ILE B 49 -11.99 42.94 -0.11
C ILE B 49 -12.02 41.47 -0.53
N TRP B 50 -11.00 41.06 -1.28
CA TRP B 50 -10.75 39.64 -1.51
C TRP B 50 -9.68 39.19 -0.53
N ILE B 51 -10.03 38.25 0.33
CA ILE B 51 -9.05 37.66 1.23
C ILE B 51 -8.62 36.29 0.71
N ASN B 52 -7.33 36.03 0.83
CA ASN B 52 -6.78 34.72 0.52
C ASN B 52 -7.33 33.68 1.50
N PRO B 53 -7.19 32.36 1.18
CA PRO B 53 -7.85 31.31 1.97
C PRO B 53 -7.70 31.46 3.49
N HIS B 54 -8.82 31.29 4.19
CA HIS B 54 -8.89 31.55 5.62
C HIS B 54 -9.44 30.33 6.35
N TYR B 55 -9.37 29.17 5.72
CA TYR B 55 -9.94 27.95 6.26
C TYR B 55 -8.87 27.12 6.96
N ALA B 56 -9.31 26.13 7.74
CA ALA B 56 -8.38 25.22 8.41
C ALA B 56 -7.41 24.62 7.40
N SER B 57 -6.12 24.67 7.73
CA SER B 57 -5.09 24.30 6.78
C SER B 57 -3.75 24.00 7.47
N PRO B 58 -3.08 22.92 7.04
CA PRO B 58 -1.72 22.59 7.48
C PRO B 58 -0.70 23.59 6.92
N ASN B 59 -1.14 24.44 6.00
CA ASN B 59 -0.34 25.53 5.46
C ASN B 59 0.91 25.13 4.66
N THR B 60 0.85 24.00 3.95
CA THR B 60 1.95 23.62 3.06
C THR B 60 1.97 24.57 1.86
N ASP B 61 0.83 25.22 1.62
CA ASP B 61 0.72 26.24 0.59
C ASP B 61 -0.05 27.43 1.15
N ASN B 62 0.24 27.77 2.40
CA ASN B 62 -0.33 28.93 3.09
C ASN B 62 -1.82 29.18 2.85
N GLY B 63 -2.64 28.18 3.16
CA GLY B 63 -4.07 28.30 3.06
C GLY B 63 -4.68 27.53 1.91
N TYR B 64 -3.91 27.37 0.83
CA TYR B 64 -4.41 26.71 -0.37
C TYR B 64 -4.42 25.19 -0.26
N ASP B 65 -4.08 24.67 0.92
CA ASP B 65 -4.29 23.25 1.22
C ASP B 65 -5.27 23.13 2.39
N ILE B 66 -6.55 22.97 2.07
CA ILE B 66 -7.61 23.08 3.07
C ILE B 66 -7.99 21.73 3.67
N SER B 67 -7.91 21.65 5.00
CA SER B 67 -8.24 20.41 5.70
C SER B 67 -9.68 20.38 6.21
N ASP B 68 -10.35 21.54 6.18
CA ASP B 68 -11.75 21.64 6.57
C ASP B 68 -12.33 22.94 6.04
N TYR B 69 -13.28 22.82 5.11
CA TYR B 69 -13.85 23.98 4.43
C TYR B 69 -14.83 24.77 5.29
N ARG B 70 -15.21 24.22 6.44
CA ARG B 70 -16.20 24.88 7.29
C ARG B 70 -15.63 25.32 8.62
N GLU B 71 -14.31 25.35 8.72
CA GLU B 71 -13.65 25.85 9.92
C GLU B 71 -12.62 26.90 9.55
N VAL B 72 -12.46 27.88 10.43
CA VAL B 72 -11.49 28.95 10.23
C VAL B 72 -10.08 28.44 10.49
N MET B 73 -9.09 28.96 9.76
CA MET B 73 -7.70 28.65 10.02
C MET B 73 -7.34 29.08 11.44
N LYS B 74 -6.72 28.17 12.19
CA LYS B 74 -6.36 28.41 13.58
C LYS B 74 -5.54 29.70 13.75
N GLU B 75 -4.61 29.93 12.83
CA GLU B 75 -3.73 31.10 12.91
C GLU B 75 -4.47 32.43 12.78
N TYR B 76 -5.58 32.44 12.05
CA TYR B 76 -6.28 33.69 11.77
C TYR B 76 -7.33 34.00 12.85
N GLY B 77 -7.74 32.97 13.59
CA GLY B 77 -8.66 33.16 14.70
C GLY B 77 -9.77 32.12 14.75
N THR B 78 -10.95 32.56 15.15
CA THR B 78 -12.09 31.66 15.30
C THR B 78 -13.21 32.07 14.34
N MET B 79 -14.26 31.24 14.28
CA MET B 79 -15.41 31.52 13.42
C MET B 79 -16.08 32.81 13.90
N GLU B 80 -16.02 33.05 15.20
CA GLU B 80 -16.55 34.27 15.79
C GLU B 80 -15.77 35.48 15.29
N ASP B 81 -14.46 35.31 15.12
CA ASP B 81 -13.63 36.38 14.57
C ASP B 81 -14.03 36.67 13.13
N PHE B 82 -14.34 35.62 12.38
CA PHE B 82 -14.79 35.76 11.00
C PHE B 82 -16.14 36.48 10.93
N ASP B 83 -17.07 36.07 11.79
CA ASP B 83 -18.38 36.70 11.85
C ASP B 83 -18.25 38.18 12.22
N ARG B 84 -17.30 38.48 13.10
CA ARG B 84 -17.06 39.85 13.53
C ARG B 84 -16.49 40.67 12.38
N LEU B 85 -15.59 40.07 11.60
CA LEU B 85 -15.06 40.71 10.41
C LEU B 85 -16.20 41.01 9.43
N MET B 86 -17.10 40.06 9.25
CA MET B 86 -18.26 40.22 8.39
C MET B 86 -19.14 41.38 8.86
N ALA B 87 -19.38 41.43 10.16
CA ALA B 87 -20.24 42.46 10.74
C ALA B 87 -19.62 43.85 10.62
N GLU B 88 -18.30 43.92 10.81
CA GLU B 88 -17.61 45.21 10.77
C GLU B 88 -17.46 45.75 9.34
N LEU B 89 -17.35 44.83 8.38
CA LEU B 89 -17.35 45.22 6.97
C LEU B 89 -18.70 45.81 6.59
N LYS B 90 -19.77 45.16 7.06
CA LYS B 90 -21.12 45.58 6.73
C LYS B 90 -21.43 46.96 7.31
N LYS B 91 -20.97 47.21 8.52
CA LYS B 91 -21.13 48.52 9.17
C LYS B 91 -20.55 49.64 8.32
N ARG B 92 -19.49 49.33 7.58
CA ARG B 92 -18.81 50.30 6.74
C ARG B 92 -19.26 50.18 5.29
N GLY B 93 -20.29 49.37 5.05
CA GLY B 93 -20.84 49.19 3.73
C GLY B 93 -19.88 48.54 2.76
N MET B 94 -18.98 47.71 3.29
CA MET B 94 -17.99 47.01 2.48
C MET B 94 -18.37 45.55 2.26
N ARG B 95 -17.88 44.97 1.18
CA ARG B 95 -18.24 43.60 0.82
C ARG B 95 -17.03 42.66 0.88
N LEU B 96 -17.26 41.40 1.24
CA LEU B 96 -16.17 40.44 1.33
C LEU B 96 -16.20 39.41 0.22
N MET B 97 -15.07 39.25 -0.45
CA MET B 97 -14.88 38.14 -1.38
C MET B 97 -13.91 37.13 -0.75
N VAL B 98 -14.31 35.87 -0.71
CA VAL B 98 -13.47 34.83 -0.15
C VAL B 98 -12.86 33.94 -1.23
N ASP B 99 -11.79 33.23 -0.86
CA ASP B 99 -11.09 32.36 -1.80
C ASP B 99 -11.69 30.96 -1.76
N VAL B 100 -11.98 30.39 -2.92
CA VAL B 100 -12.54 29.05 -2.99
C VAL B 100 -11.59 28.08 -3.67
N VAL B 101 -11.09 27.13 -2.91
CA VAL B 101 -10.04 26.21 -3.36
C VAL B 101 -10.60 24.79 -3.47
N ILE B 102 -11.25 24.49 -4.60
CA ILE B 102 -11.92 23.21 -4.75
C ILE B 102 -11.46 22.43 -5.98
N ASN B 103 -10.26 22.72 -6.45
CA ASN B 103 -9.60 21.84 -7.41
C ASN B 103 -8.94 20.73 -6.63
N HIS B 104 -8.55 21.04 -5.39
CA HIS B 104 -7.85 20.11 -4.53
C HIS B 104 -8.11 20.47 -3.08
N SER B 105 -7.93 19.50 -2.19
CA SER B 105 -8.01 19.74 -0.75
C SER B 105 -6.64 19.46 -0.14
N SER B 106 -6.55 19.54 1.18
CA SER B 106 -5.35 19.10 1.88
C SER B 106 -5.40 17.58 2.01
N ASP B 107 -4.23 16.96 2.16
CA ASP B 107 -4.18 15.52 2.39
C ASP B 107 -4.60 15.18 3.82
N GLN B 108 -4.84 16.22 4.62
CA GLN B 108 -5.29 16.04 5.99
CA GLN B 108 -5.30 16.01 5.99
C GLN B 108 -6.80 16.24 6.12
N HIS B 109 -7.46 16.43 4.98
CA HIS B 109 -8.92 16.54 4.98
C HIS B 109 -9.47 15.14 5.25
N GLU B 110 -10.58 15.06 5.96
CA GLU B 110 -11.16 13.78 6.34
C GLU B 110 -11.60 12.96 5.13
N TRP B 111 -12.00 13.64 4.06
CA TRP B 111 -12.35 12.98 2.82
C TRP B 111 -11.18 12.16 2.31
N PHE B 112 -9.99 12.74 2.38
CA PHE B 112 -8.80 12.08 1.87
C PHE B 112 -8.28 11.02 2.83
N LYS B 113 -8.40 11.28 4.13
CA LYS B 113 -8.02 10.29 5.14
C LYS B 113 -8.86 9.03 4.96
N SER B 114 -10.13 9.20 4.61
CA SER B 114 -11.02 8.08 4.34
C SER B 114 -10.70 7.47 2.98
N SER B 115 -10.57 8.33 1.97
CA SER B 115 -10.30 7.90 0.61
C SER B 115 -9.12 6.93 0.48
N ARG B 116 -8.04 7.23 1.19
CA ARG B 116 -6.82 6.46 1.06
C ARG B 116 -6.82 5.16 1.87
N ALA B 117 -7.85 4.97 2.68
CA ALA B 117 -7.92 3.81 3.57
C ALA B 117 -7.97 2.48 2.83
N SER B 118 -8.75 2.45 1.75
CA SER B 118 -8.91 1.23 0.96
C SER B 118 -9.55 1.57 -0.37
N LYS B 119 -9.58 0.59 -1.28
CA LYS B 119 -10.16 0.82 -2.59
C LYS B 119 -11.68 0.80 -2.55
N ASP B 120 -12.25 0.20 -1.50
CA ASP B 120 -13.69 0.08 -1.38
C ASP B 120 -14.28 1.12 -0.44
N ASN B 121 -13.46 2.06 0.00
CA ASN B 121 -13.93 3.15 0.84
C ASN B 121 -14.91 4.02 0.06
N PRO B 122 -16.01 4.44 0.70
CA PRO B 122 -17.02 5.27 0.02
C PRO B 122 -16.49 6.64 -0.41
N TYR B 123 -15.34 7.05 0.13
CA TYR B 123 -14.75 8.33 -0.24
C TYR B 123 -13.61 8.17 -1.23
N ARG B 124 -13.44 6.96 -1.77
CA ARG B 124 -12.35 6.66 -2.69
C ARG B 124 -12.36 7.57 -3.91
N ASP B 125 -13.53 7.69 -4.55
CA ASP B 125 -13.65 8.46 -5.78
C ASP B 125 -13.92 9.95 -5.54
N TYR B 126 -13.59 10.43 -4.35
CA TYR B 126 -13.55 11.86 -4.09
C TYR B 126 -12.25 12.41 -4.65
N TYR B 127 -11.32 11.50 -4.94
CA TYR B 127 -10.03 11.86 -5.51
C TYR B 127 -9.71 10.95 -6.69
N PHE B 128 -8.52 11.09 -7.28
CA PHE B 128 -8.13 10.25 -8.41
C PHE B 128 -7.07 9.23 -8.01
N TRP B 129 -7.46 7.96 -8.01
CA TRP B 129 -6.52 6.88 -7.69
C TRP B 129 -6.33 5.99 -8.92
N ARG B 130 -5.07 5.78 -9.30
CA ARG B 130 -4.77 4.97 -10.48
CA ARG B 130 -4.75 4.99 -10.48
C ARG B 130 -3.62 4.00 -10.21
N ASP B 131 -3.62 2.88 -10.93
CA ASP B 131 -2.52 1.94 -10.84
C ASP B 131 -1.30 2.54 -11.52
N GLY B 132 -0.11 2.18 -11.05
CA GLY B 132 1.11 2.58 -11.69
C GLY B 132 1.24 1.91 -13.05
N LYS B 133 2.18 2.39 -13.86
CA LYS B 133 2.40 1.81 -15.18
C LYS B 133 3.88 1.51 -15.39
N ASP B 134 4.17 0.28 -15.80
CA ASP B 134 5.54 -0.15 -16.09
C ASP B 134 6.50 0.12 -14.94
N GLY B 135 6.06 -0.20 -13.73
CA GLY B 135 6.88 0.03 -12.54
C GLY B 135 6.99 1.49 -12.13
N HIS B 136 6.29 2.37 -12.84
CA HIS B 136 6.34 3.80 -12.55
C HIS B 136 4.96 4.42 -12.43
N GLU B 137 4.89 5.75 -12.52
CA GLU B 137 3.63 6.49 -12.38
C GLU B 137 2.63 6.11 -13.46
N PRO B 138 1.32 6.34 -13.21
CA PRO B 138 0.27 6.04 -14.19
C PRO B 138 0.52 6.71 -15.54
N ASN B 139 1.07 7.91 -15.53
CA ASN B 139 1.46 8.60 -16.75
C ASN B 139 2.56 9.63 -16.54
N ASN B 140 2.83 10.44 -17.55
CA ASN B 140 3.94 11.40 -17.49
C ASN B 140 3.57 12.77 -16.93
N TYR B 141 2.42 12.87 -16.26
CA TYR B 141 1.97 14.14 -15.66
C TYR B 141 2.99 14.71 -14.68
N PRO B 142 3.51 15.91 -14.98
CA PRO B 142 4.36 16.60 -14.01
C PRO B 142 3.52 17.50 -13.11
N SER B 143 4.05 17.80 -11.93
CA SER B 143 3.35 18.68 -10.99
C SER B 143 3.92 20.09 -11.06
N PHE B 144 3.05 21.08 -10.87
CA PHE B 144 3.48 22.48 -10.83
C PHE B 144 4.41 22.74 -9.67
N PHE B 145 4.33 21.91 -8.64
CA PHE B 145 5.11 22.12 -7.42
C PHE B 145 6.22 21.09 -7.21
N GLY B 146 6.63 20.45 -8.30
CA GLY B 146 7.77 19.55 -8.25
C GLY B 146 7.46 18.09 -8.53
N GLY B 147 8.32 17.45 -9.31
CA GLY B 147 8.20 16.03 -9.58
C GLY B 147 6.93 15.64 -10.29
N SER B 148 6.55 14.38 -10.15
CA SER B 148 5.35 13.85 -10.79
C SER B 148 4.08 14.36 -10.11
N ALA B 149 3.00 14.44 -10.88
CA ALA B 149 1.70 14.78 -10.33
C ALA B 149 1.08 13.57 -9.62
N TRP B 150 1.77 12.44 -9.66
CA TRP B 150 1.28 11.22 -9.02
C TRP B 150 2.13 10.85 -7.80
N GLU B 151 1.45 10.54 -6.70
CA GLU B 151 2.12 10.17 -5.46
C GLU B 151 1.61 8.82 -4.97
N LYS B 152 2.50 7.84 -4.91
CA LYS B 152 2.12 6.49 -4.50
C LYS B 152 1.80 6.42 -3.02
N ASP B 153 0.71 5.75 -2.68
CA ASP B 153 0.31 5.54 -1.30
C ASP B 153 0.48 4.06 -0.97
N PRO B 154 1.41 3.75 -0.04
CA PRO B 154 1.71 2.36 0.34
C PRO B 154 0.52 1.64 0.97
N VAL B 155 -0.44 2.39 1.50
CA VAL B 155 -1.62 1.81 2.12
C VAL B 155 -2.43 0.97 1.13
N THR B 156 -2.49 1.41 -0.12
CA THR B 156 -3.23 0.70 -1.16
C THR B 156 -2.37 0.36 -2.37
N GLY B 157 -1.19 0.97 -2.44
CA GLY B 157 -0.27 0.72 -3.53
C GLY B 157 -0.61 1.45 -4.81
N GLN B 158 -1.66 2.26 -4.76
CA GLN B 158 -2.02 3.09 -5.91
C GLN B 158 -1.49 4.52 -5.77
N TYR B 159 -1.48 5.26 -6.87
CA TYR B 159 -1.03 6.64 -6.89
C TYR B 159 -2.23 7.58 -6.91
N TYR B 160 -2.16 8.67 -6.16
CA TYR B 160 -3.17 9.70 -6.25
C TYR B 160 -2.67 10.92 -7.02
N LEU B 161 -3.60 11.65 -7.63
CA LEU B 161 -3.25 12.78 -8.49
C LEU B 161 -3.16 14.08 -7.70
N HIS B 162 -2.14 14.88 -8.01
CA HIS B 162 -2.03 16.24 -7.48
C HIS B 162 -1.35 17.14 -8.49
N TYR B 163 -2.11 18.07 -9.05
CA TYR B 163 -1.53 19.03 -10.00
C TYR B 163 -0.54 19.94 -9.29
N PHE B 164 -0.83 20.28 -8.04
CA PHE B 164 0.06 21.13 -7.27
C PHE B 164 0.82 20.32 -6.22
N GLY B 165 0.81 20.78 -4.98
CA GLY B 165 1.58 20.13 -3.93
C GLY B 165 1.22 18.67 -3.70
N ARG B 166 2.19 17.90 -3.20
CA ARG B 166 1.95 16.50 -2.85
C ARG B 166 0.92 16.38 -1.73
N GLN B 167 0.78 17.45 -0.94
CA GLN B 167 -0.19 17.47 0.14
C GLN B 167 -1.44 18.26 -0.29
N GLN B 168 -1.64 18.34 -1.60
CA GLN B 168 -2.82 18.94 -2.18
C GLN B 168 -3.45 18.03 -3.24
N PRO B 169 -4.02 16.89 -2.80
CA PRO B 169 -4.62 15.93 -3.72
C PRO B 169 -5.84 16.51 -4.45
N ASP B 170 -5.89 16.32 -5.78
CA ASP B 170 -6.97 16.87 -6.59
C ASP B 170 -8.30 16.21 -6.28
N LEU B 171 -9.35 17.03 -6.19
CA LEU B 171 -10.70 16.51 -5.98
C LEU B 171 -11.26 15.96 -7.28
N ASN B 172 -12.11 14.94 -7.17
CA ASN B 172 -12.67 14.27 -8.34
C ASN B 172 -14.04 14.83 -8.70
N TRP B 173 -14.07 15.77 -9.64
CA TRP B 173 -15.32 16.41 -10.05
C TRP B 173 -16.22 15.50 -10.89
N ASP B 174 -15.67 14.36 -11.33
CA ASP B 174 -16.46 13.38 -12.09
C ASP B 174 -17.41 12.59 -11.18
N THR B 175 -17.25 12.76 -9.88
CA THR B 175 -18.09 12.07 -8.91
C THR B 175 -19.21 13.00 -8.45
N PRO B 176 -20.45 12.70 -8.83
CA PRO B 176 -21.62 13.54 -8.52
C PRO B 176 -21.75 13.83 -7.03
N LYS B 177 -21.50 12.81 -6.20
CA LYS B 177 -21.55 12.96 -4.75
C LYS B 177 -20.56 14.02 -4.27
N LEU B 178 -19.38 14.06 -4.90
CA LEU B 178 -18.35 15.04 -4.57
C LEU B 178 -18.82 16.45 -4.92
N ARG B 179 -19.31 16.64 -6.15
CA ARG B 179 -19.79 17.94 -6.58
C ARG B 179 -20.88 18.50 -5.67
N GLU B 180 -21.81 17.63 -5.26
CA GLU B 180 -22.89 18.05 -4.38
C GLU B 180 -22.39 18.51 -3.02
N GLU B 181 -21.32 17.89 -2.55
CA GLU B 181 -20.76 18.25 -1.26
C GLU B 181 -20.03 19.60 -1.32
N LEU B 182 -19.45 19.90 -2.48
CA LEU B 182 -18.80 21.19 -2.70
C LEU B 182 -19.85 22.30 -2.79
N TYR B 183 -20.96 21.99 -3.45
CA TYR B 183 -22.07 22.95 -3.58
C TYR B 183 -22.63 23.30 -2.21
N ALA B 184 -22.82 22.28 -1.38
CA ALA B 184 -23.32 22.50 -0.02
C ALA B 184 -22.34 23.34 0.78
N MET B 185 -21.06 23.10 0.56
CA MET B 185 -20.01 23.86 1.23
C MET B 185 -20.07 25.33 0.84
N LEU B 186 -20.28 25.60 -0.44
CA LEU B 186 -20.38 26.97 -0.93
C LEU B 186 -21.58 27.67 -0.29
N ARG B 187 -22.71 26.98 -0.21
CA ARG B 187 -23.91 27.55 0.39
C ARG B 187 -23.66 27.94 1.84
N PHE B 188 -22.88 27.12 2.55
CA PHE B 188 -22.54 27.37 3.94
C PHE B 188 -21.95 28.77 4.12
N TRP B 189 -21.05 29.14 3.22
CA TRP B 189 -20.40 30.45 3.30
C TRP B 189 -21.28 31.56 2.73
N LEU B 190 -22.00 31.27 1.65
CA LEU B 190 -22.89 32.26 1.05
C LEU B 190 -24.05 32.61 1.97
N ASP B 191 -24.52 31.63 2.74
CA ASP B 191 -25.60 31.86 3.69
C ASP B 191 -25.14 32.78 4.83
N LYS B 192 -23.82 32.86 5.03
CA LYS B 192 -23.26 33.73 6.05
C LYS B 192 -23.13 35.15 5.51
N GLY B 193 -23.44 35.33 4.23
CA GLY B 193 -23.52 36.65 3.63
C GLY B 193 -22.33 37.09 2.79
N VAL B 194 -21.43 36.17 2.47
N VAL B 194 -21.45 36.16 2.45
CA VAL B 194 -20.28 36.53 1.65
CA VAL B 194 -20.29 36.45 1.60
C VAL B 194 -20.73 37.01 0.27
C VAL B 194 -20.74 37.00 0.25
N SER B 195 -20.11 38.09 -0.19
CA SER B 195 -20.54 38.78 -1.40
C SER B 195 -19.80 38.36 -2.65
N GLY B 196 -18.73 37.60 -2.50
CA GLY B 196 -17.92 37.23 -3.64
C GLY B 196 -17.11 35.97 -3.43
N MET B 197 -16.83 35.26 -4.52
CA MET B 197 -16.00 34.07 -4.46
C MET B 197 -14.97 34.07 -5.59
N ARG B 198 -13.71 33.89 -5.21
CA ARG B 198 -12.63 33.81 -6.18
C ARG B 198 -12.23 32.35 -6.28
N PHE B 199 -12.43 31.76 -7.46
CA PHE B 199 -12.16 30.34 -7.63
C PHE B 199 -10.74 30.02 -8.05
N ASP B 200 -10.00 29.48 -7.09
CA ASP B 200 -8.60 29.09 -7.29
C ASP B 200 -8.47 28.04 -8.39
N THR B 201 -7.53 28.28 -9.30
CA THR B 201 -7.28 27.44 -10.49
C THR B 201 -8.53 26.76 -11.07
N VAL B 202 -9.50 27.58 -11.46
CA VAL B 202 -10.83 27.09 -11.83
C VAL B 202 -10.84 26.32 -13.15
N ALA B 203 -9.82 26.54 -13.98
CA ALA B 203 -9.78 25.93 -15.31
C ALA B 203 -9.31 24.46 -15.29
N THR B 204 -8.85 23.98 -14.15
CA THR B 204 -8.30 22.63 -14.07
C THR B 204 -9.23 21.59 -13.44
N TYR B 205 -10.48 21.97 -13.18
CA TYR B 205 -11.43 21.08 -12.50
C TYR B 205 -11.64 19.76 -13.23
N SER B 206 -11.83 19.82 -14.55
CA SER B 206 -12.12 18.62 -15.32
C SER B 206 -10.85 17.89 -15.74
N LYS B 207 -10.78 16.60 -15.39
CA LYS B 207 -9.65 15.76 -15.76
C LYS B 207 -9.93 15.00 -17.05
N THR B 208 -8.87 14.65 -17.76
CA THR B 208 -9.00 13.89 -19.01
C THR B 208 -9.20 12.40 -18.73
N PRO B 209 -10.33 11.84 -19.19
CA PRO B 209 -10.64 10.42 -18.95
C PRO B 209 -9.59 9.49 -19.54
N GLY B 210 -9.17 8.50 -18.76
CA GLY B 210 -8.18 7.55 -19.19
C GLY B 210 -6.77 7.96 -18.78
N PHE B 211 -6.61 9.25 -18.48
CA PHE B 211 -5.30 9.81 -18.17
C PHE B 211 -4.19 9.38 -19.13
N PRO B 212 -4.38 9.58 -20.44
CA PRO B 212 -3.30 9.18 -21.34
C PRO B 212 -2.09 10.09 -21.18
N ASP B 213 -0.93 9.62 -21.63
CA ASP B 213 0.29 10.41 -21.53
C ASP B 213 0.13 11.74 -22.26
N LEU B 214 0.81 12.77 -21.76
CA LEU B 214 0.92 14.01 -22.50
C LEU B 214 1.93 13.79 -23.62
N THR B 215 1.64 14.34 -24.79
CA THR B 215 2.57 14.31 -25.91
C THR B 215 3.76 15.19 -25.57
N PRO B 216 4.90 14.97 -26.25
CA PRO B 216 6.07 15.83 -26.06
C PRO B 216 5.76 17.31 -26.21
N GLU B 217 4.93 17.65 -27.20
CA GLU B 217 4.50 19.02 -27.39
C GLU B 217 3.71 19.50 -26.18
N GLN B 218 2.73 18.71 -25.76
CA GLN B 218 1.93 19.03 -24.59
C GLN B 218 2.80 19.15 -23.34
N MET B 219 3.83 18.31 -23.29
CA MET B 219 4.75 18.27 -22.15
C MET B 219 5.47 19.60 -21.94
N LYS B 220 5.62 20.38 -23.01
CA LYS B 220 6.28 21.68 -22.94
C LYS B 220 5.47 22.63 -22.06
N ASN B 221 4.20 22.80 -22.40
CA ASN B 221 3.30 23.66 -21.63
C ASN B 221 2.12 22.84 -21.14
N PHE B 222 2.37 22.00 -20.13
CA PHE B 222 1.36 21.05 -19.67
C PHE B 222 0.21 21.70 -18.92
N ALA B 223 0.37 22.96 -18.54
CA ALA B 223 -0.70 23.69 -17.86
C ALA B 223 -1.91 23.78 -18.77
N GLU B 224 -1.65 24.00 -20.05
CA GLU B 224 -2.72 24.13 -21.04
C GLU B 224 -3.51 22.82 -21.16
N ALA B 225 -2.79 21.70 -21.14
CA ALA B 225 -3.44 20.39 -21.23
C ALA B 225 -4.34 20.13 -20.03
N TYR B 226 -3.94 20.64 -18.87
CA TYR B 226 -4.72 20.44 -17.65
C TYR B 226 -6.01 21.27 -17.66
N THR B 227 -6.12 22.22 -18.58
CA THR B 227 -7.31 23.06 -18.65
C THR B 227 -8.26 22.60 -19.74
N GLN B 228 -7.93 21.49 -20.38
CA GLN B 228 -8.72 20.99 -21.52
C GLN B 228 -9.54 19.76 -21.16
N GLY B 229 -9.93 19.63 -19.90
CA GLY B 229 -10.83 18.59 -19.48
C GLY B 229 -12.16 18.77 -20.20
N PRO B 230 -12.75 17.65 -20.68
CA PRO B 230 -13.92 17.71 -21.55
C PRO B 230 -15.20 18.17 -20.85
N ASN B 231 -15.24 18.12 -19.52
CA ASN B 231 -16.45 18.48 -18.79
C ASN B 231 -16.33 19.76 -17.97
N LEU B 232 -15.30 20.55 -18.24
CA LEU B 232 -15.01 21.74 -17.45
C LEU B 232 -16.18 22.71 -17.36
N HIS B 233 -16.69 23.14 -18.53
CA HIS B 233 -17.74 24.15 -18.55
C HIS B 233 -19.09 23.57 -18.15
N ARG B 234 -19.26 22.27 -18.41
CA ARG B 234 -20.42 21.55 -17.93
C ARG B 234 -20.49 21.65 -16.41
N TYR B 235 -19.35 21.40 -15.75
CA TYR B 235 -19.27 21.46 -14.30
C TYR B 235 -19.49 22.87 -13.78
N LEU B 236 -18.88 23.85 -14.44
CA LEU B 236 -19.02 25.25 -14.03
C LEU B 236 -20.46 25.73 -14.16
N GLN B 237 -21.13 25.28 -15.21
CA GLN B 237 -22.52 25.65 -15.43
C GLN B 237 -23.43 25.02 -14.37
N GLU B 238 -23.13 23.78 -14.00
CA GLU B 238 -23.88 23.10 -12.96
C GLU B 238 -23.75 23.81 -11.61
N MET B 239 -22.53 24.26 -11.30
CA MET B 239 -22.28 24.96 -10.05
C MET B 239 -23.08 26.26 -9.98
N HIS B 240 -23.15 26.97 -11.11
CA HIS B 240 -23.95 28.19 -11.19
C HIS B 240 -25.43 27.89 -11.00
N GLU B 241 -25.91 26.86 -11.69
CA GLU B 241 -27.32 26.48 -11.61
C GLU B 241 -27.73 26.12 -10.18
N LYS B 242 -26.89 25.35 -9.50
CA LYS B 242 -27.24 24.83 -8.18
C LYS B 242 -26.82 25.74 -7.03
N VAL B 243 -25.97 26.71 -7.30
CA VAL B 243 -25.48 27.59 -6.24
C VAL B 243 -25.69 29.08 -6.52
N PHE B 244 -24.92 29.62 -7.47
CA PHE B 244 -24.86 31.07 -7.67
C PHE B 244 -26.12 31.69 -8.25
N ASP B 245 -26.96 30.87 -8.87
CA ASP B 245 -28.23 31.35 -9.39
C ASP B 245 -29.13 31.78 -8.24
N HIS B 246 -28.87 31.24 -7.05
CA HIS B 246 -29.71 31.50 -5.88
C HIS B 246 -29.19 32.60 -4.96
N TYR B 247 -28.05 33.19 -5.32
CA TYR B 247 -27.47 34.26 -4.50
C TYR B 247 -27.13 35.47 -5.37
N ASP B 248 -26.77 36.57 -4.72
CA ASP B 248 -26.35 37.77 -5.45
C ASP B 248 -24.85 38.01 -5.28
N ALA B 249 -24.09 36.92 -5.25
CA ALA B 249 -22.65 37.02 -5.08
C ALA B 249 -21.95 37.05 -6.44
N VAL B 250 -20.88 37.84 -6.53
CA VAL B 250 -20.08 37.89 -7.74
C VAL B 250 -19.04 36.77 -7.73
N THR B 251 -18.87 36.11 -8.86
CA THR B 251 -17.88 35.04 -8.95
C THR B 251 -16.71 35.45 -9.84
N ALA B 252 -15.51 35.14 -9.37
CA ALA B 252 -14.30 35.44 -10.11
C ALA B 252 -13.46 34.18 -10.21
N GLY B 253 -12.91 33.92 -11.39
CA GLY B 253 -12.12 32.72 -11.59
C GLY B 253 -10.67 33.00 -11.89
N GLU B 254 -9.79 32.29 -11.20
CA GLU B 254 -8.37 32.28 -11.54
C GLU B 254 -8.19 31.29 -12.69
N ILE B 255 -8.11 31.82 -13.91
CA ILE B 255 -8.00 30.97 -15.09
C ILE B 255 -6.53 30.72 -15.42
N PHE B 256 -5.95 29.74 -14.73
CA PHE B 256 -4.54 29.40 -14.89
C PHE B 256 -4.32 28.31 -15.93
N GLY B 257 -3.50 28.61 -16.93
CA GLY B 257 -3.10 27.62 -17.91
C GLY B 257 -3.85 27.69 -19.23
N ALA B 258 -5.02 28.31 -19.22
CA ALA B 258 -5.87 28.35 -20.42
C ALA B 258 -5.46 29.48 -21.36
N PRO B 259 -5.51 29.21 -22.67
CA PRO B 259 -5.26 30.25 -23.68
C PRO B 259 -6.35 31.31 -23.62
N LEU B 260 -5.99 32.54 -23.94
CA LEU B 260 -6.91 33.68 -23.83
C LEU B 260 -8.20 33.47 -24.62
N ASN B 261 -8.10 32.77 -25.75
CA ASN B 261 -9.27 32.51 -26.59
C ASN B 261 -10.35 31.66 -25.92
N GLN B 262 -9.99 31.00 -24.82
CA GLN B 262 -10.94 30.17 -24.07
C GLN B 262 -11.67 30.95 -22.98
N VAL B 263 -11.09 32.08 -22.57
CA VAL B 263 -11.64 32.90 -21.49
C VAL B 263 -13.12 33.28 -21.60
N PRO B 264 -13.60 33.69 -22.80
CA PRO B 264 -15.02 34.03 -22.90
C PRO B 264 -15.97 32.93 -22.45
N LEU B 265 -15.55 31.67 -22.54
CA LEU B 265 -16.38 30.56 -22.12
C LEU B 265 -16.64 30.59 -20.61
N PHE B 266 -15.73 31.22 -19.87
CA PHE B 266 -15.83 31.33 -18.42
C PHE B 266 -16.65 32.54 -17.95
N ILE B 267 -16.61 33.63 -18.72
CA ILE B 267 -17.12 34.90 -18.22
C ILE B 267 -18.27 35.52 -19.00
N ASP B 268 -18.61 34.95 -20.17
CA ASP B 268 -19.77 35.43 -20.91
C ASP B 268 -20.99 35.26 -20.02
N SER B 269 -21.62 36.38 -19.68
CA SER B 269 -22.76 36.37 -18.76
C SER B 269 -23.88 35.44 -19.23
N ARG B 270 -24.04 35.33 -20.54
CA ARG B 270 -25.08 34.50 -21.14
C ARG B 270 -24.87 33.01 -20.88
N ARG B 271 -23.60 32.61 -20.74
CA ARG B 271 -23.25 31.21 -20.50
C ARG B 271 -23.53 30.80 -19.06
N LYS B 272 -23.78 31.79 -18.20
CA LYS B 272 -24.05 31.57 -16.78
C LYS B 272 -23.00 30.66 -16.12
N GLU B 273 -21.74 31.08 -16.18
CA GLU B 273 -20.67 30.41 -15.46
C GLU B 273 -20.10 31.37 -14.41
N LEU B 274 -19.03 32.08 -14.76
CA LEU B 274 -18.43 33.04 -13.84
C LEU B 274 -18.67 34.48 -14.30
N ASP B 275 -18.53 35.43 -13.38
CA ASP B 275 -18.79 36.83 -13.69
C ASP B 275 -17.56 37.55 -14.27
N MET B 276 -16.39 37.31 -13.69
CA MET B 276 -15.19 37.97 -14.17
C MET B 276 -13.93 37.11 -14.07
N ALA B 277 -12.91 37.49 -14.82
CA ALA B 277 -11.71 36.67 -14.95
C ALA B 277 -10.45 37.28 -14.35
N PHE B 278 -9.68 36.45 -13.67
CA PHE B 278 -8.28 36.71 -13.40
C PHE B 278 -7.48 35.93 -14.43
N THR B 279 -6.86 36.62 -15.38
CA THR B 279 -6.00 35.94 -16.35
C THR B 279 -4.54 36.10 -15.97
N PHE B 280 -3.66 35.37 -16.64
CA PHE B 280 -2.23 35.40 -16.33
C PHE B 280 -1.43 36.15 -17.39
N ASP B 281 -2.09 36.46 -18.50
CA ASP B 281 -1.42 37.02 -19.68
C ASP B 281 -0.60 38.28 -19.39
N LEU B 282 -1.19 39.23 -18.69
CA LEU B 282 -0.49 40.47 -18.38
C LEU B 282 0.59 40.29 -17.31
N ILE B 283 0.21 39.74 -16.16
CA ILE B 283 1.13 39.67 -15.04
C ILE B 283 2.29 38.69 -15.28
N ARG B 284 2.10 37.77 -16.22
CA ARG B 284 3.16 36.85 -16.61
C ARG B 284 3.65 37.14 -18.04
N TYR B 285 3.45 38.37 -18.50
CA TYR B 285 3.82 38.72 -19.87
C TYR B 285 5.33 38.70 -20.07
N ASP B 286 6.08 38.81 -18.98
CA ASP B 286 7.54 38.82 -19.04
C ASP B 286 8.11 37.64 -18.27
N ARG B 287 7.36 36.55 -18.22
CA ARG B 287 7.80 35.34 -17.52
C ARG B 287 7.97 34.22 -18.53
N ALA B 288 9.03 33.44 -18.38
CA ALA B 288 9.28 32.31 -19.26
C ALA B 288 8.34 31.15 -18.94
N LEU B 289 8.35 30.13 -19.80
CA LEU B 289 7.48 28.98 -19.65
C LEU B 289 7.68 28.24 -18.33
N ASP B 290 8.90 28.26 -17.81
CA ASP B 290 9.23 27.58 -16.55
C ASP B 290 8.68 28.31 -15.33
N ARG B 291 8.10 29.48 -15.55
CA ARG B 291 7.48 30.30 -14.51
C ARG B 291 8.47 30.89 -13.50
N TRP B 292 9.77 30.79 -13.76
CA TRP B 292 10.74 31.45 -12.87
C TRP B 292 11.75 32.35 -13.58
N HIS B 293 12.09 32.03 -14.82
CA HIS B 293 12.93 32.90 -15.61
C HIS B 293 12.15 34.12 -16.09
N THR B 294 12.82 35.25 -16.24
CA THR B 294 12.19 36.43 -16.80
C THR B 294 12.61 36.61 -18.25
N ILE B 295 11.74 37.24 -19.03
CA ILE B 295 12.04 37.58 -20.41
C ILE B 295 11.83 39.08 -20.57
N PRO B 296 12.83 39.78 -21.12
CA PRO B 296 12.69 41.24 -21.28
C PRO B 296 11.54 41.61 -22.21
N ARG B 297 10.71 42.55 -21.76
CA ARG B 297 9.60 43.06 -22.56
C ARG B 297 9.61 44.58 -22.49
N THR B 298 8.81 45.21 -23.35
CA THR B 298 8.66 46.65 -23.36
C THR B 298 7.21 47.04 -23.13
N LEU B 299 6.94 48.34 -23.06
CA LEU B 299 5.58 48.84 -22.91
C LEU B 299 4.69 48.36 -24.05
N ALA B 300 5.27 48.18 -25.23
CA ALA B 300 4.53 47.70 -26.39
C ALA B 300 3.89 46.34 -26.11
N ASP B 301 4.68 45.39 -25.61
CA ASP B 301 4.18 44.07 -25.25
C ASP B 301 3.12 44.21 -24.16
N PHE B 302 3.40 45.10 -23.21
CA PHE B 302 2.52 45.38 -22.08
C PHE B 302 1.12 45.79 -22.56
N ARG B 303 1.05 46.86 -23.34
CA ARG B 303 -0.23 47.40 -23.79
C ARG B 303 -0.94 46.50 -24.81
N GLN B 304 -0.15 45.78 -25.61
CA GLN B 304 -0.73 44.90 -26.60
C GLN B 304 -1.38 43.69 -25.94
N THR B 305 -0.83 43.29 -24.80
CA THR B 305 -1.43 42.20 -24.02
C THR B 305 -2.74 42.66 -23.41
N ILE B 306 -2.73 43.88 -22.86
CA ILE B 306 -3.93 44.47 -22.28
C ILE B 306 -5.02 44.57 -23.35
N ASP B 307 -4.63 44.98 -24.54
CA ASP B 307 -5.55 45.10 -25.66
C ASP B 307 -6.23 43.76 -25.93
N LYS B 308 -5.44 42.71 -26.02
CA LYS B 308 -5.95 41.36 -26.25
C LYS B 308 -6.92 40.93 -25.15
N VAL B 309 -6.51 41.12 -23.90
CA VAL B 309 -7.33 40.73 -22.76
C VAL B 309 -8.66 41.48 -22.74
N ASP B 310 -8.61 42.78 -23.01
CA ASP B 310 -9.83 43.58 -23.05
C ASP B 310 -10.78 43.11 -24.15
N ALA B 311 -10.21 42.67 -25.27
CA ALA B 311 -10.99 42.28 -26.43
C ALA B 311 -11.82 41.01 -26.20
N ILE B 312 -11.26 40.04 -25.48
CA ILE B 312 -11.97 38.79 -25.26
C ILE B 312 -13.14 38.95 -24.30
N ALA B 313 -13.13 40.04 -23.53
CA ALA B 313 -14.24 40.35 -22.64
C ALA B 313 -15.49 40.64 -23.45
N GLY B 314 -15.30 41.21 -24.64
CA GLY B 314 -16.40 41.49 -25.55
C GLY B 314 -17.48 42.35 -24.92
N GLU B 315 -18.72 42.07 -25.29
CA GLU B 315 -19.86 42.84 -24.80
C GLU B 315 -20.47 42.19 -23.55
N TYR B 316 -20.25 40.88 -23.40
CA TYR B 316 -20.95 40.14 -22.38
C TYR B 316 -20.06 39.62 -21.24
N GLY B 317 -18.76 39.74 -21.41
CA GLY B 317 -17.82 39.30 -20.38
C GLY B 317 -17.24 40.47 -19.62
N TRP B 318 -16.52 40.18 -18.55
CA TRP B 318 -15.92 41.23 -17.74
C TRP B 318 -14.59 40.78 -17.16
N ASN B 319 -13.61 41.67 -17.17
CA ASN B 319 -12.28 41.36 -16.65
C ASN B 319 -12.04 41.97 -15.29
N THR B 320 -11.15 41.33 -14.53
CA THR B 320 -10.53 42.00 -13.39
C THR B 320 -9.28 42.64 -13.95
N PHE B 321 -8.75 43.63 -13.25
CA PHE B 321 -7.44 44.16 -13.60
C PHE B 321 -6.58 44.28 -12.35
N PHE B 322 -5.33 43.86 -12.46
CA PHE B 322 -4.42 43.90 -11.33
C PHE B 322 -2.99 43.96 -11.83
N LEU B 323 -2.12 44.62 -11.07
CA LEU B 323 -0.70 44.65 -11.39
C LEU B 323 0.09 43.82 -10.40
N GLY B 324 -0.61 43.31 -9.39
CA GLY B 324 0.03 42.48 -8.38
C GLY B 324 -0.93 41.57 -7.63
N ASN B 325 -0.38 40.52 -7.04
CA ASN B 325 -1.13 39.64 -6.15
C ASN B 325 -0.18 38.86 -5.24
N HIS B 326 -0.69 37.82 -4.61
CA HIS B 326 0.08 37.06 -3.62
C HIS B 326 1.13 36.14 -4.23
N ASP B 327 1.11 35.99 -5.55
CA ASP B 327 1.98 35.02 -6.23
C ASP B 327 3.02 35.67 -7.15
N ASN B 328 3.17 36.99 -7.07
CA ASN B 328 4.02 37.70 -8.01
C ASN B 328 4.89 38.77 -7.37
N PRO B 329 5.96 39.19 -8.05
CA PRO B 329 6.76 40.30 -7.53
C PRO B 329 5.92 41.57 -7.40
N ARG B 330 6.41 42.51 -6.60
CA ARG B 330 5.71 43.77 -6.38
C ARG B 330 5.52 44.55 -7.67
N ALA B 331 4.35 45.18 -7.80
CA ALA B 331 3.99 45.91 -9.01
C ALA B 331 5.03 46.94 -9.43
N VAL B 332 5.47 47.77 -8.48
CA VAL B 332 6.42 48.84 -8.81
C VAL B 332 7.78 48.27 -9.21
N SER B 333 8.17 47.15 -8.62
CA SER B 333 9.42 46.49 -8.99
C SER B 333 9.28 45.85 -10.36
N HIS B 334 8.08 45.36 -10.64
CA HIS B 334 7.81 44.55 -11.82
C HIS B 334 7.58 45.38 -13.09
N PHE B 335 6.65 46.32 -13.02
CA PHE B 335 6.29 47.10 -14.20
C PHE B 335 6.86 48.52 -14.15
N GLY B 336 7.39 48.91 -13.01
CA GLY B 336 7.91 50.25 -12.84
C GLY B 336 9.40 50.30 -12.56
N ASP B 337 9.82 51.25 -11.74
CA ASP B 337 11.22 51.42 -11.39
C ASP B 337 11.33 51.64 -9.88
N ASP B 338 11.76 50.62 -9.14
CA ASP B 338 11.78 50.71 -7.69
C ASP B 338 13.03 51.37 -7.09
N ARG B 339 13.90 51.88 -7.95
CA ARG B 339 15.06 52.63 -7.49
C ARG B 339 14.58 53.83 -6.68
N PRO B 340 15.31 54.18 -5.61
CA PRO B 340 14.92 55.23 -4.66
C PRO B 340 14.46 56.52 -5.31
N GLN B 341 15.07 56.90 -6.44
CA GLN B 341 14.71 58.16 -7.08
C GLN B 341 13.51 58.06 -8.02
N TRP B 342 13.08 56.83 -8.34
CA TRP B 342 11.96 56.66 -9.28
C TRP B 342 10.79 55.90 -8.70
N ARG B 343 10.96 55.33 -7.51
CA ARG B 343 9.97 54.45 -6.90
C ARG B 343 8.59 55.08 -6.75
N GLU B 344 8.55 56.25 -6.11
N GLU B 344 8.55 56.25 -6.11
CA GLU B 344 7.29 56.94 -5.86
CA GLU B 344 7.29 56.94 -5.86
C GLU B 344 6.63 57.41 -7.16
C GLU B 344 6.63 57.42 -7.15
N ALA B 345 7.44 57.96 -8.06
CA ALA B 345 6.94 58.46 -9.33
C ALA B 345 6.33 57.35 -10.18
N SER B 346 7.04 56.24 -10.32
CA SER B 346 6.55 55.13 -11.15
C SER B 346 5.36 54.43 -10.48
N ALA B 347 5.38 54.34 -9.16
CA ALA B 347 4.27 53.73 -8.42
C ALA B 347 2.98 54.52 -8.64
N LYS B 348 3.09 55.85 -8.69
CA LYS B 348 1.93 56.68 -8.97
C LYS B 348 1.43 56.43 -10.39
N ALA B 349 2.38 56.32 -11.32
CA ALA B 349 2.03 56.07 -12.72
C ALA B 349 1.27 54.76 -12.86
N LEU B 350 1.74 53.72 -12.18
CA LEU B 350 1.07 52.42 -12.22
C LEU B 350 -0.30 52.48 -11.55
N ALA B 351 -0.44 53.35 -10.56
CA ALA B 351 -1.72 53.57 -9.90
C ALA B 351 -2.73 54.13 -10.88
N THR B 352 -2.29 55.12 -11.65
CA THR B 352 -3.13 55.75 -12.66
C THR B 352 -3.59 54.73 -13.68
N VAL B 353 -2.66 53.88 -14.10
CA VAL B 353 -2.97 52.81 -15.04
C VAL B 353 -4.01 51.87 -14.44
N THR B 354 -3.74 51.39 -13.23
CA THR B 354 -4.58 50.43 -12.54
C THR B 354 -6.05 50.90 -12.45
N LEU B 355 -6.25 52.14 -12.03
CA LEU B 355 -7.59 52.61 -11.74
C LEU B 355 -8.29 53.26 -12.94
N THR B 356 -7.71 53.15 -14.12
CA THR B 356 -8.38 53.65 -15.32
C THR B 356 -8.57 52.57 -16.39
N GLN B 357 -8.31 51.33 -16.02
CA GLN B 357 -8.48 50.21 -16.94
C GLN B 357 -9.94 49.77 -16.99
N ARG B 358 -10.37 49.30 -18.16
CA ARG B 358 -11.72 48.74 -18.27
C ARG B 358 -11.74 47.38 -17.60
N GLY B 359 -12.53 47.26 -16.53
CA GLY B 359 -12.56 46.06 -15.73
C GLY B 359 -12.66 46.43 -14.27
N THR B 360 -12.62 45.42 -13.41
CA THR B 360 -12.70 45.66 -11.98
C THR B 360 -11.31 45.58 -11.36
N PRO B 361 -10.78 46.74 -10.93
CA PRO B 361 -9.41 46.76 -10.40
C PRO B 361 -9.27 46.06 -9.04
N PHE B 362 -8.15 45.36 -8.89
CA PHE B 362 -7.78 44.75 -7.62
C PHE B 362 -6.44 45.32 -7.20
N ILE B 363 -6.43 46.02 -6.06
CA ILE B 363 -5.21 46.56 -5.50
C ILE B 363 -4.67 45.58 -4.47
N PHE B 364 -3.42 45.14 -4.66
CA PHE B 364 -2.82 44.22 -3.71
C PHE B 364 -2.19 44.98 -2.54
N GLN B 365 -2.39 44.47 -1.34
CA GLN B 365 -1.96 45.13 -0.11
C GLN B 365 -0.50 45.60 -0.16
N GLY B 366 -0.30 46.88 0.10
CA GLY B 366 1.04 47.45 0.14
C GLY B 366 1.37 48.25 -1.09
N ASP B 367 0.72 47.94 -2.21
CA ASP B 367 1.00 48.65 -3.46
C ASP B 367 0.59 50.11 -3.40
N GLU B 368 -0.37 50.43 -2.53
CA GLU B 368 -0.78 51.82 -2.35
C GLU B 368 0.30 52.59 -1.59
N LEU B 369 1.24 51.87 -0.99
CA LEU B 369 2.38 52.50 -0.33
C LEU B 369 3.60 52.49 -1.23
N GLY B 370 3.51 51.75 -2.34
CA GLY B 370 4.65 51.60 -3.22
C GLY B 370 5.69 50.66 -2.64
N MET B 371 5.23 49.60 -1.96
CA MET B 371 6.12 48.57 -1.45
C MET B 371 6.84 47.88 -2.61
N THR B 372 8.03 47.37 -2.33
CA THR B 372 8.89 46.84 -3.38
C THR B 372 9.25 45.38 -3.15
N ASN B 373 10.02 44.81 -4.07
CA ASN B 373 10.55 43.47 -3.91
C ASN B 373 11.45 43.41 -2.68
N TYR B 374 11.59 42.22 -2.10
CA TYR B 374 12.43 42.05 -0.93
C TYR B 374 13.87 41.75 -1.36
N PRO B 375 14.84 42.37 -0.66
CA PRO B 375 16.25 42.09 -0.92
C PRO B 375 16.68 40.75 -0.32
N PHE B 376 16.35 39.66 -1.01
CA PHE B 376 16.70 38.32 -0.55
C PHE B 376 18.20 38.18 -0.35
N LYS B 377 18.61 37.54 0.75
CA LYS B 377 20.02 37.35 1.04
C LYS B 377 20.35 35.91 1.40
N THR B 378 19.44 35.26 2.12
CA THR B 378 19.64 33.88 2.54
C THR B 378 18.67 32.94 1.83
N LEU B 379 18.94 31.64 1.93
CA LEU B 379 18.06 30.63 1.35
C LEU B 379 16.68 30.67 1.99
N GLN B 380 16.67 30.86 3.31
CA GLN B 380 15.42 30.89 4.08
C GLN B 380 14.49 32.01 3.66
N ASP B 381 15.05 33.07 3.06
CA ASP B 381 14.24 34.18 2.57
C ASP B 381 13.30 33.73 1.46
N PHE B 382 13.73 32.74 0.69
CA PHE B 382 12.97 32.26 -0.46
C PHE B 382 11.93 31.20 -0.09
N ASP B 383 11.94 30.78 1.16
CA ASP B 383 11.12 29.66 1.63
C ASP B 383 9.66 29.72 1.16
N ASP B 384 9.31 28.77 0.30
CA ASP B 384 8.01 28.74 -0.36
C ASP B 384 7.89 27.43 -1.10
N ILE B 385 6.69 26.85 -1.15
CA ILE B 385 6.51 25.54 -1.77
C ILE B 385 6.88 25.52 -3.26
N GLU B 386 6.53 26.57 -3.99
CA GLU B 386 6.81 26.61 -5.43
C GLU B 386 8.30 26.64 -5.74
N VAL B 387 9.07 27.39 -4.95
CA VAL B 387 10.51 27.44 -5.16
C VAL B 387 11.16 26.11 -4.75
N LYS B 388 10.57 25.41 -3.79
CA LYS B 388 11.02 24.07 -3.42
C LYS B 388 10.88 23.15 -4.61
N GLY B 389 9.76 23.29 -5.32
CA GLY B 389 9.52 22.53 -6.54
C GLY B 389 10.53 22.87 -7.63
N PHE B 390 10.89 24.13 -7.74
CA PHE B 390 11.88 24.57 -8.72
C PHE B 390 13.24 23.93 -8.43
N PHE B 391 13.61 23.86 -7.15
CA PHE B 391 14.84 23.19 -6.75
C PHE B 391 14.78 21.72 -7.16
N GLN B 392 13.64 21.09 -6.89
CA GLN B 392 13.45 19.68 -7.22
C GLN B 392 13.58 19.42 -8.72
N ASP B 393 12.94 20.26 -9.53
CA ASP B 393 12.86 20.01 -10.96
C ASP B 393 14.01 20.58 -11.77
N TYR B 394 14.73 21.54 -11.20
CA TYR B 394 15.76 22.23 -11.97
C TYR B 394 17.16 22.17 -11.36
N VAL B 395 17.24 22.17 -10.02
CA VAL B 395 18.54 22.14 -9.37
C VAL B 395 19.02 20.71 -9.09
N GLU B 396 18.15 19.89 -8.50
CA GLU B 396 18.49 18.49 -8.23
C GLU B 396 18.74 17.73 -9.53
N THR B 397 18.08 18.18 -10.59
CA THR B 397 18.20 17.54 -11.90
C THR B 397 19.43 18.03 -12.65
N GLY B 398 20.08 19.06 -12.12
CA GLY B 398 21.28 19.60 -12.71
C GLY B 398 21.04 20.52 -13.91
N LYS B 399 19.78 20.85 -14.17
CA LYS B 399 19.44 21.73 -15.28
C LYS B 399 19.95 23.14 -15.02
N ALA B 400 20.02 23.51 -13.75
CA ALA B 400 20.51 24.82 -13.36
C ALA B 400 21.17 24.73 -11.99
N THR B 401 22.02 25.71 -11.68
CA THR B 401 22.66 25.76 -10.38
C THR B 401 21.75 26.49 -9.40
N ALA B 402 21.96 26.24 -8.11
CA ALA B 402 21.21 26.92 -7.06
C ALA B 402 21.35 28.43 -7.21
N GLU B 403 22.57 28.88 -7.50
CA GLU B 403 22.84 30.30 -7.69
C GLU B 403 22.01 30.88 -8.83
N GLU B 404 21.93 30.16 -9.94
CA GLU B 404 21.13 30.59 -11.08
C GLU B 404 19.65 30.71 -10.73
N LEU B 405 19.13 29.70 -10.04
CA LEU B 405 17.72 29.71 -9.63
C LEU B 405 17.40 30.91 -8.76
N LEU B 406 18.22 31.11 -7.74
CA LEU B 406 18.00 32.19 -6.77
C LEU B 406 18.15 33.57 -7.39
N THR B 407 19.09 33.70 -8.33
CA THR B 407 19.27 34.96 -9.05
C THR B 407 18.00 35.37 -9.76
N ASN B 408 17.31 34.39 -10.35
CA ASN B 408 16.09 34.65 -11.08
C ASN B 408 14.86 34.74 -10.19
N VAL B 409 14.77 33.85 -9.21
CA VAL B 409 13.63 33.82 -8.29
C VAL B 409 13.57 35.08 -7.43
N ALA B 410 14.73 35.69 -7.16
CA ALA B 410 14.77 36.97 -6.46
C ALA B 410 13.86 37.99 -7.13
N LEU B 411 13.80 37.91 -8.45
CA LEU B 411 12.96 38.80 -9.25
C LEU B 411 11.51 38.34 -9.33
N THR B 412 11.27 37.04 -9.15
CA THR B 412 9.95 36.48 -9.41
C THR B 412 9.30 35.76 -8.22
N SER B 413 10.02 35.66 -7.10
CA SER B 413 9.52 34.94 -5.93
C SER B 413 8.16 35.42 -5.47
N ARG B 414 7.30 34.46 -5.11
CA ARG B 414 5.99 34.78 -4.55
C ARG B 414 6.15 35.51 -3.21
N ASN B 415 7.28 35.27 -2.54
CA ASN B 415 7.56 35.89 -1.26
C ASN B 415 7.80 37.39 -1.35
N ASN B 416 8.08 37.88 -2.56
CA ASN B 416 8.20 39.31 -2.79
C ASN B 416 6.93 40.05 -2.38
N ALA B 417 5.80 39.37 -2.47
CA ALA B 417 4.51 39.98 -2.19
C ALA B 417 3.98 39.63 -0.80
N ARG B 418 4.73 38.81 -0.07
CA ARG B 418 4.24 38.25 1.18
C ARG B 418 4.96 38.77 2.42
N THR B 419 5.88 39.71 2.22
CA THR B 419 6.56 40.33 3.35
C THR B 419 5.52 41.20 4.08
N PRO B 420 5.64 41.31 5.41
CA PRO B 420 4.65 41.99 6.24
C PRO B 420 4.29 43.39 5.74
N PHE B 421 3.00 43.71 5.76
CA PHE B 421 2.53 45.04 5.41
C PHE B 421 3.21 46.07 6.31
N GLN B 422 3.63 47.18 5.70
CA GLN B 422 4.38 48.19 6.44
C GLN B 422 3.48 49.32 6.94
N TRP B 423 3.08 49.21 8.21
CA TRP B 423 2.13 50.14 8.81
C TRP B 423 2.77 51.43 9.33
N ASP B 424 3.90 51.30 10.02
CA ASP B 424 4.64 52.46 10.53
C ASP B 424 6.14 52.17 10.59
N ASP B 425 6.87 52.96 11.37
CA ASP B 425 8.31 52.73 11.49
C ASP B 425 8.74 52.14 12.83
N SER B 426 7.78 51.54 13.54
CA SER B 426 8.11 50.81 14.77
C SER B 426 8.75 49.47 14.42
N ALA B 427 9.00 48.66 15.44
CA ALA B 427 9.61 47.35 15.22
C ALA B 427 8.77 46.51 14.26
N ASN B 428 9.43 46.02 13.21
CA ASN B 428 8.78 45.21 12.18
C ASN B 428 7.62 45.93 11.50
N ALA B 429 7.78 47.23 11.31
CA ALA B 429 6.83 48.07 10.59
C ALA B 429 5.43 48.07 11.18
N GLY B 430 5.32 47.72 12.47
CA GLY B 430 4.05 47.72 13.15
C GLY B 430 3.14 46.58 12.75
N PHE B 431 3.70 45.60 12.04
CA PHE B 431 2.95 44.42 11.63
C PHE B 431 2.70 43.50 12.81
N THR B 432 3.69 43.41 13.71
CA THR B 432 3.63 42.47 14.82
C THR B 432 4.52 42.94 15.97
N THR B 433 4.20 42.48 17.18
CA THR B 433 5.04 42.75 18.34
C THR B 433 6.04 41.61 18.53
N GLY B 434 5.82 40.52 17.80
CA GLY B 434 6.71 39.38 17.89
C GLY B 434 7.70 39.32 16.73
N LYS B 435 8.00 38.10 16.29
CA LYS B 435 8.89 37.88 15.16
C LYS B 435 8.06 37.43 13.95
N PRO B 436 8.07 38.23 12.87
CA PRO B 436 7.23 37.96 11.70
C PRO B 436 7.62 36.66 11.00
N TRP B 437 6.64 35.97 10.44
CA TRP B 437 6.88 34.69 9.76
C TRP B 437 7.77 34.86 8.53
N LEU B 438 7.80 36.10 8.02
CA LEU B 438 8.68 36.45 6.92
C LEU B 438 9.27 37.80 7.28
N LYS B 439 10.56 38.00 6.98
CA LYS B 439 11.24 39.25 7.36
C LYS B 439 10.63 40.48 6.69
N VAL B 440 10.44 41.53 7.48
CA VAL B 440 10.00 42.80 6.96
C VAL B 440 11.07 43.38 6.04
N ASN B 441 10.65 44.02 4.96
CA ASN B 441 11.55 44.74 4.09
C ASN B 441 12.19 45.90 4.85
N PRO B 442 13.52 45.98 4.83
CA PRO B 442 14.27 47.06 5.49
C PRO B 442 13.82 48.47 5.09
N ASN B 443 13.21 48.62 3.92
CA ASN B 443 12.80 49.95 3.47
C ASN B 443 11.53 50.47 4.15
N TYR B 444 11.05 49.76 5.16
CA TYR B 444 9.84 50.17 5.87
C TYR B 444 10.05 51.50 6.60
N THR B 445 11.30 51.84 6.87
CA THR B 445 11.62 53.10 7.52
C THR B 445 11.25 54.29 6.62
N GLU B 446 11.24 54.05 5.31
CA GLU B 446 10.85 55.08 4.35
C GLU B 446 9.50 54.81 3.70
N ILE B 447 9.05 53.56 3.77
CA ILE B 447 7.80 53.16 3.14
C ILE B 447 6.85 52.54 4.17
N ASN B 448 5.93 53.34 4.68
CA ASN B 448 4.94 52.84 5.63
C ASN B 448 3.68 53.66 5.61
N ALA B 449 2.57 53.06 6.05
CA ALA B 449 1.25 53.69 5.98
C ALA B 449 1.18 55.00 6.76
N ALA B 450 1.60 54.98 8.01
CA ALA B 450 1.54 56.15 8.89
C ALA B 450 2.20 57.38 8.26
N ARG B 451 3.35 57.18 7.63
CA ARG B 451 4.09 58.28 7.02
C ARG B 451 3.38 58.83 5.78
N GLU B 452 2.73 57.95 5.04
CA GLU B 452 2.10 58.35 3.77
C GLU B 452 0.71 58.94 3.93
N ILE B 453 -0.03 58.49 4.93
CA ILE B 453 -1.39 58.95 5.15
C ILE B 453 -1.43 60.46 5.41
N GLY B 454 -0.46 60.94 6.18
CA GLY B 454 -0.39 62.36 6.52
C GLY B 454 0.22 63.23 5.44
N ASP B 455 0.73 62.60 4.38
CA ASP B 455 1.39 63.32 3.31
C ASP B 455 0.53 63.35 2.03
N PRO B 456 0.03 64.53 1.68
CA PRO B 456 -0.81 64.73 0.49
C PRO B 456 -0.08 64.42 -0.83
N LYS B 457 1.25 64.43 -0.81
CA LYS B 457 2.03 64.16 -2.01
C LYS B 457 2.49 62.70 -2.09
N SER B 458 1.98 61.87 -1.17
CA SER B 458 2.43 60.48 -1.09
C SER B 458 1.76 59.57 -2.11
N VAL B 459 2.31 58.38 -2.27
CA VAL B 459 1.72 57.36 -3.13
C VAL B 459 0.32 57.01 -2.67
N TYR B 460 0.16 56.81 -1.37
CA TYR B 460 -1.13 56.52 -0.76
C TYR B 460 -2.16 57.57 -1.15
N SER B 461 -1.81 58.83 -0.98
CA SER B 461 -2.73 59.92 -1.23
C SER B 461 -3.14 59.96 -2.69
N PHE B 462 -2.18 59.66 -3.57
CA PHE B 462 -2.46 59.61 -5.00
C PHE B 462 -3.46 58.49 -5.31
N TYR B 463 -3.23 57.32 -4.72
CA TYR B 463 -4.15 56.20 -4.85
C TYR B 463 -5.56 56.58 -4.38
N ARG B 464 -5.62 57.24 -3.23
CA ARG B 464 -6.90 57.65 -2.65
C ARG B 464 -7.64 58.62 -3.56
N ASN B 465 -6.92 59.57 -4.12
CA ASN B 465 -7.49 60.52 -5.06
C ASN B 465 -7.96 59.87 -6.36
N LEU B 466 -7.21 58.90 -6.86
CA LEU B 466 -7.58 58.17 -8.07
C LEU B 466 -8.84 57.35 -7.86
N ILE B 467 -8.90 56.65 -6.73
CA ILE B 467 -10.08 55.86 -6.39
C ILE B 467 -11.31 56.75 -6.34
N SER B 468 -11.15 57.93 -5.75
CA SER B 468 -12.23 58.91 -5.67
C SER B 468 -12.66 59.36 -7.07
N ILE B 469 -11.69 59.69 -7.91
CA ILE B 469 -11.95 60.11 -9.28
C ILE B 469 -12.67 59.02 -10.08
N ARG B 470 -12.20 57.78 -9.96
CA ARG B 470 -12.82 56.66 -10.65
C ARG B 470 -14.28 56.47 -10.21
N HIS B 471 -14.52 56.58 -8.90
CA HIS B 471 -15.86 56.46 -8.35
C HIS B 471 -16.83 57.54 -8.86
N GLU B 472 -16.29 58.71 -9.20
CA GLU B 472 -17.11 59.83 -9.65
C GLU B 472 -17.25 59.86 -11.16
N THR B 473 -16.53 58.98 -11.84
CA THR B 473 -16.47 59.00 -13.30
C THR B 473 -16.80 57.63 -13.88
N PRO B 474 -18.07 57.40 -14.26
CA PRO B 474 -18.54 56.12 -14.79
C PRO B 474 -17.72 55.61 -15.96
N ALA B 475 -17.29 56.50 -16.84
CA ALA B 475 -16.52 56.11 -18.02
C ALA B 475 -15.19 55.42 -17.66
N LEU B 476 -14.68 55.70 -16.47
CA LEU B 476 -13.41 55.12 -16.03
C LEU B 476 -13.56 53.71 -15.52
N SER B 477 -14.80 53.24 -15.40
CA SER B 477 -15.05 51.86 -14.99
C SER B 477 -15.69 51.05 -16.11
N THR B 478 -16.88 51.47 -16.53
CA THR B 478 -17.66 50.72 -17.50
C THR B 478 -17.54 51.27 -18.92
N GLY B 479 -16.82 52.39 -19.07
CA GLY B 479 -16.66 52.99 -20.37
C GLY B 479 -15.82 52.13 -21.29
N SER B 480 -15.94 52.35 -22.60
CA SER B 480 -15.17 51.60 -23.58
C SER B 480 -13.68 51.88 -23.43
N TYR B 481 -12.86 51.10 -24.13
CA TYR B 481 -11.42 51.25 -24.05
C TYR B 481 -10.79 51.20 -25.44
N ARG B 482 -9.89 52.13 -25.73
CA ARG B 482 -9.17 52.13 -27.00
C ARG B 482 -7.73 52.58 -26.82
N ASP B 483 -6.79 51.70 -27.20
CA ASP B 483 -5.39 52.07 -27.18
C ASP B 483 -5.12 53.00 -28.36
N ILE B 484 -4.51 54.15 -28.08
CA ILE B 484 -4.24 55.15 -29.08
C ILE B 484 -3.09 54.75 -30.02
N ASP B 485 -2.09 54.06 -29.47
CA ASP B 485 -0.94 53.63 -30.27
C ASP B 485 -0.26 52.39 -29.67
N PRO B 486 -0.82 51.20 -29.95
CA PRO B 486 -0.35 49.92 -29.42
C PRO B 486 1.12 49.59 -29.73
N SER B 487 1.71 50.30 -30.69
CA SER B 487 3.12 50.07 -31.04
C SER B 487 4.07 50.91 -30.20
N ASN B 488 3.55 51.96 -29.57
CA ASN B 488 4.38 52.89 -28.79
C ASN B 488 4.90 52.25 -27.52
N ALA B 489 6.23 52.28 -27.35
CA ALA B 489 6.87 51.63 -26.21
C ALA B 489 7.42 52.63 -25.19
N ASP B 490 7.04 53.90 -25.34
CA ASP B 490 7.50 54.95 -24.44
C ASP B 490 6.36 55.51 -23.60
N VAL B 491 5.27 55.87 -24.28
CA VAL B 491 4.14 56.53 -23.62
C VAL B 491 2.85 55.75 -23.81
N TYR B 492 2.28 55.29 -22.70
CA TYR B 492 1.02 54.55 -22.73
C TYR B 492 -0.14 55.53 -22.75
N ALA B 493 -0.92 55.51 -23.82
CA ALA B 493 -2.02 56.45 -23.99
C ALA B 493 -3.27 55.76 -24.51
N TYR B 494 -4.39 56.01 -23.85
CA TYR B 494 -5.66 55.40 -24.24
C TYR B 494 -6.84 56.26 -23.81
N THR B 495 -8.02 55.92 -24.34
CA THR B 495 -9.23 56.64 -23.99
C THR B 495 -10.28 55.73 -23.36
N ARG B 496 -11.08 56.31 -22.46
CA ARG B 496 -12.24 55.64 -21.90
C ARG B 496 -13.45 56.53 -22.20
N SER B 497 -14.47 55.97 -22.83
CA SER B 497 -15.61 56.77 -23.25
C SER B 497 -16.94 56.13 -22.86
N GLN B 498 -17.88 56.96 -22.44
CA GLN B 498 -19.22 56.50 -22.10
C GLN B 498 -20.22 57.65 -22.16
N ASP B 499 -21.27 57.46 -22.95
CA ASP B 499 -22.34 58.45 -23.10
C ASP B 499 -21.85 59.79 -23.60
N GLY B 500 -21.00 59.79 -24.62
CA GLY B 500 -20.54 61.02 -25.24
C GLY B 500 -19.38 61.68 -24.53
N GLU B 501 -19.14 61.29 -23.28
CA GLU B 501 -18.02 61.82 -22.52
C GLU B 501 -16.77 60.95 -22.71
N THR B 502 -15.67 61.58 -23.11
CA THR B 502 -14.43 60.84 -23.36
C THR B 502 -13.29 61.32 -22.48
N TYR B 503 -12.58 60.38 -21.87
CA TYR B 503 -11.45 60.69 -21.03
C TYR B 503 -10.16 60.13 -21.62
N LEU B 504 -9.08 60.87 -21.49
CA LEU B 504 -7.79 60.47 -22.02
C LEU B 504 -6.81 60.18 -20.88
N VAL B 505 -6.13 59.04 -20.99
CA VAL B 505 -5.12 58.68 -20.00
C VAL B 505 -3.76 58.58 -20.67
N VAL B 506 -2.80 59.35 -20.14
CA VAL B 506 -1.45 59.37 -20.70
C VAL B 506 -0.43 59.08 -19.61
N VAL B 507 0.38 58.04 -19.81
CA VAL B 507 1.35 57.62 -18.82
C VAL B 507 2.74 57.40 -19.45
N ASN B 508 3.73 58.15 -18.96
CA ASN B 508 5.10 58.03 -19.43
C ASN B 508 5.81 56.90 -18.70
N PHE B 509 6.23 55.87 -19.44
CA PHE B 509 6.91 54.72 -18.84
C PHE B 509 8.42 54.84 -18.88
N LYS B 510 8.90 56.02 -19.29
CA LYS B 510 10.35 56.26 -19.35
C LYS B 510 10.80 57.21 -18.25
N ALA B 511 12.00 56.97 -17.73
CA ALA B 511 12.62 57.87 -16.77
C ALA B 511 13.32 59.00 -17.50
N GLU B 512 12.69 59.50 -18.54
CA GLU B 512 13.21 60.59 -19.36
C GLU B 512 12.02 61.41 -19.83
N PRO B 513 12.25 62.70 -20.13
CA PRO B 513 11.17 63.53 -20.66
C PRO B 513 10.66 62.99 -21.99
N ARG B 514 9.35 63.09 -22.21
CA ARG B 514 8.73 62.62 -23.44
C ARG B 514 7.63 63.57 -23.86
N SER B 515 7.30 63.56 -25.15
CA SER B 515 6.20 64.37 -25.65
C SER B 515 5.11 63.47 -26.22
N PHE B 516 3.85 63.88 -26.03
CA PHE B 516 2.73 63.13 -26.58
C PHE B 516 1.78 64.04 -27.35
N THR B 517 1.44 63.63 -28.56
CA THR B 517 0.54 64.38 -29.41
C THR B 517 -0.83 63.70 -29.45
N LEU B 518 -1.87 64.44 -29.13
CA LEU B 518 -3.23 63.90 -29.16
C LEU B 518 -3.60 63.54 -30.60
N PRO B 519 -4.47 62.54 -30.77
CA PRO B 519 -4.99 62.24 -32.11
C PRO B 519 -5.73 63.44 -32.70
N ASP B 520 -5.85 63.47 -34.02
CA ASP B 520 -6.48 64.61 -34.72
C ASP B 520 -7.88 64.89 -34.21
N GLY B 521 -8.19 66.18 -34.04
CA GLY B 521 -9.52 66.60 -33.63
C GLY B 521 -9.76 66.47 -32.13
N MET B 522 -8.75 65.99 -31.41
CA MET B 522 -8.89 65.80 -29.97
C MET B 522 -8.08 66.85 -29.20
N HIS B 523 -8.72 67.45 -28.20
CA HIS B 523 -8.09 68.51 -27.43
C HIS B 523 -8.41 68.38 -25.95
N ILE B 524 -7.48 68.80 -25.10
CA ILE B 524 -7.68 68.77 -23.66
C ILE B 524 -8.77 69.76 -23.25
N ALA B 525 -9.72 69.30 -22.44
CA ALA B 525 -10.75 70.17 -21.91
C ALA B 525 -10.53 70.44 -20.43
N GLU B 526 -10.17 69.40 -19.70
CA GLU B 526 -9.99 69.50 -18.25
C GLU B 526 -8.99 68.47 -17.76
N THR B 527 -8.09 68.89 -16.87
CA THR B 527 -7.16 67.98 -16.25
C THR B 527 -7.72 67.48 -14.92
N LEU B 528 -8.01 66.18 -14.86
CA LEU B 528 -8.57 65.59 -13.65
C LEU B 528 -7.50 65.41 -12.57
N ILE B 529 -6.35 64.87 -12.97
CA ILE B 529 -5.25 64.63 -12.05
C ILE B 529 -3.97 64.34 -12.81
N GLU B 530 -2.83 64.67 -12.19
CA GLU B 530 -1.53 64.31 -12.73
C GLU B 530 -0.59 63.91 -11.61
N SER B 531 0.42 63.13 -11.97
CA SER B 531 1.52 62.83 -11.06
C SER B 531 2.82 63.24 -11.72
N SER B 532 3.76 63.73 -10.91
CA SER B 532 5.08 64.16 -11.40
C SER B 532 4.97 65.22 -12.50
N SER B 533 3.96 66.07 -12.42
CA SER B 533 3.79 67.15 -13.37
C SER B 533 3.92 68.52 -12.71
N PRO B 534 4.74 69.40 -13.29
CA PRO B 534 4.94 70.74 -12.75
C PRO B 534 3.78 71.66 -13.12
N ALA B 535 3.03 71.29 -14.15
CA ALA B 535 1.89 72.10 -14.60
C ALA B 535 0.99 71.32 -15.55
N ALA B 536 -0.32 71.40 -15.31
CA ALA B 536 -1.31 70.82 -16.21
C ALA B 536 -1.29 71.55 -17.55
N PRO B 537 -1.74 70.89 -18.62
CA PRO B 537 -1.85 71.57 -19.91
C PRO B 537 -2.96 72.62 -19.90
N ALA B 538 -2.92 73.54 -20.84
CA ALA B 538 -3.98 74.53 -20.97
C ALA B 538 -5.15 73.93 -21.73
N ALA B 539 -6.34 74.44 -21.47
CA ALA B 539 -7.53 73.96 -22.17
C ALA B 539 -7.39 74.18 -23.66
N GLY B 540 -7.64 73.12 -24.44
CA GLY B 540 -7.54 73.20 -25.89
C GLY B 540 -6.24 72.64 -26.41
N ALA B 541 -5.36 72.20 -25.50
CA ALA B 541 -4.08 71.64 -25.87
C ALA B 541 -4.26 70.40 -26.76
N ALA B 542 -3.45 70.32 -27.80
CA ALA B 542 -3.47 69.17 -28.70
C ALA B 542 -2.19 68.36 -28.52
N SER B 543 -1.43 68.70 -27.50
CA SER B 543 -0.17 68.02 -27.22
C SER B 543 0.17 68.08 -25.74
N LEU B 544 1.06 67.19 -25.30
CA LEU B 544 1.49 67.17 -23.92
C LEU B 544 3.00 67.01 -23.83
N GLU B 545 3.60 67.71 -22.88
CA GLU B 545 5.00 67.48 -22.56
C GLU B 545 5.07 66.74 -21.24
N LEU B 546 5.70 65.59 -21.25
CA LEU B 546 5.70 64.71 -20.07
C LEU B 546 7.04 64.69 -19.36
N GLN B 547 6.99 64.82 -18.04
CA GLN B 547 8.17 64.59 -17.20
C GLN B 547 8.39 63.08 -17.13
N PRO B 548 9.57 62.65 -16.65
CA PRO B 548 9.78 61.21 -16.41
C PRO B 548 8.69 60.61 -15.54
N TRP B 549 8.13 59.49 -15.99
CA TRP B 549 7.09 58.76 -15.24
C TRP B 549 5.83 59.56 -14.92
N GLN B 550 5.62 60.67 -15.65
CA GLN B 550 4.42 61.47 -15.48
C GLN B 550 3.18 60.67 -15.91
N SER B 551 2.10 60.80 -15.14
CA SER B 551 0.82 60.21 -15.52
C SER B 551 -0.27 61.26 -15.38
N GLY B 552 -1.37 61.07 -16.09
CA GLY B 552 -2.46 62.03 -16.03
C GLY B 552 -3.76 61.53 -16.61
N ILE B 553 -4.87 62.04 -16.10
CA ILE B 553 -6.19 61.76 -16.63
C ILE B 553 -6.81 63.07 -17.07
N TYR B 554 -7.29 63.11 -18.30
CA TYR B 554 -7.84 64.34 -18.86
C TYR B 554 -9.17 64.08 -19.53
N LYS B 555 -10.13 64.99 -19.33
CA LYS B 555 -11.36 64.96 -20.09
C LYS B 555 -11.12 65.71 -21.40
N VAL B 556 -11.44 65.08 -22.51
CA VAL B 556 -11.18 65.69 -23.81
C VAL B 556 -12.44 66.14 -24.50
N LYS B 557 -12.27 66.95 -25.54
CA LYS B 557 -13.38 67.49 -26.31
C LYS B 557 -13.08 67.40 -27.80
CA CA C . 6.13 -35.45 -14.83
C TRS D . 1.28 -28.08 6.08
C1 TRS D . 2.74 -27.66 6.24
C2 TRS D . 0.64 -28.25 7.46
C3 TRS D . 0.53 -27.03 5.26
N TRS D . 1.24 -29.36 5.37
O1 TRS D . 3.36 -27.59 4.97
O2 TRS D . 1.23 -29.35 8.12
O3 TRS D . -0.69 -27.57 4.80
CA CA E . -1.48 36.47 14.89
C TRS F . -2.63 27.67 -6.06
C1 TRS F . -3.30 27.57 -7.42
C2 TRS F . -2.89 26.42 -5.23
C3 TRS F . -1.13 27.88 -6.23
N TRS F . -3.20 28.83 -5.37
O1 TRS F . -3.19 28.81 -8.08
O2 TRS F . -4.24 26.37 -4.84
O3 TRS F . -0.55 28.09 -4.97
#